data_1Q3Z
# 
_entry.id   1Q3Z 
# 
_audit_conform.dict_name       mmcif_pdbx.dic 
_audit_conform.dict_version    5.392 
_audit_conform.dict_location   http://mmcif.pdb.org/dictionaries/ascii/mmcif_pdbx.dic 
# 
loop_
_database_2.database_id 
_database_2.database_code 
_database_2.pdbx_database_accession 
_database_2.pdbx_DOI 
PDB   1Q3Z         pdb_00001q3z 10.2210/pdb1q3z/pdb 
RCSB  RCSB019886   ?            ?                   
WWPDB D_1000019886 ?            ?                   
# 
loop_
_pdbx_audit_revision_history.ordinal 
_pdbx_audit_revision_history.data_content_type 
_pdbx_audit_revision_history.major_revision 
_pdbx_audit_revision_history.minor_revision 
_pdbx_audit_revision_history.revision_date 
1 'Structure model' 1 0 2004-09-07 
2 'Structure model' 1 1 2008-04-29 
3 'Structure model' 1 2 2011-07-13 
4 'Structure model' 1 3 2021-10-27 
5 'Structure model' 1 4 2024-05-22 
# 
_pdbx_audit_revision_details.ordinal             1 
_pdbx_audit_revision_details.revision_ordinal    1 
_pdbx_audit_revision_details.data_content_type   'Structure model' 
_pdbx_audit_revision_details.provider            repository 
_pdbx_audit_revision_details.type                'Initial release' 
_pdbx_audit_revision_details.description         ? 
_pdbx_audit_revision_details.details             ? 
# 
loop_
_pdbx_audit_revision_group.ordinal 
_pdbx_audit_revision_group.revision_ordinal 
_pdbx_audit_revision_group.data_content_type 
_pdbx_audit_revision_group.group 
1 2 'Structure model' 'Version format compliance' 
2 3 'Structure model' 'Version format compliance' 
3 4 'Structure model' 'Data collection'           
4 4 'Structure model' 'Database references'       
5 4 'Structure model' 'Derived calculations'      
6 5 'Structure model' 'Data collection'           
# 
loop_
_pdbx_audit_revision_category.ordinal 
_pdbx_audit_revision_category.revision_ordinal 
_pdbx_audit_revision_category.data_content_type 
_pdbx_audit_revision_category.category 
1  4 'Structure model' database_2             
2  4 'Structure model' pdbx_nmr_software      
3  4 'Structure model' pdbx_struct_assembly   
4  4 'Structure model' pdbx_struct_conn_angle 
5  4 'Structure model' pdbx_struct_oper_list  
6  4 'Structure model' struct_conn            
7  4 'Structure model' struct_ref_seq_dif     
8  4 'Structure model' struct_site            
9  5 'Structure model' chem_comp_atom         
10 5 'Structure model' chem_comp_bond         
# 
loop_
_pdbx_audit_revision_item.ordinal 
_pdbx_audit_revision_item.revision_ordinal 
_pdbx_audit_revision_item.data_content_type 
_pdbx_audit_revision_item.item 
1  4 'Structure model' '_database_2.pdbx_DOI'                        
2  4 'Structure model' '_database_2.pdbx_database_accession'         
3  4 'Structure model' '_pdbx_nmr_software.name'                     
4  4 'Structure model' '_pdbx_struct_conn_angle.ptnr1_auth_comp_id'  
5  4 'Structure model' '_pdbx_struct_conn_angle.ptnr1_auth_seq_id'   
6  4 'Structure model' '_pdbx_struct_conn_angle.ptnr1_label_atom_id' 
7  4 'Structure model' '_pdbx_struct_conn_angle.ptnr1_label_comp_id' 
8  4 'Structure model' '_pdbx_struct_conn_angle.ptnr1_label_seq_id'  
9  4 'Structure model' '_pdbx_struct_conn_angle.ptnr3_auth_comp_id'  
10 4 'Structure model' '_pdbx_struct_conn_angle.ptnr3_auth_seq_id'   
11 4 'Structure model' '_pdbx_struct_conn_angle.ptnr3_label_atom_id' 
12 4 'Structure model' '_pdbx_struct_conn_angle.ptnr3_label_comp_id' 
13 4 'Structure model' '_pdbx_struct_conn_angle.ptnr3_label_seq_id'  
14 4 'Structure model' '_pdbx_struct_conn_angle.value'               
15 4 'Structure model' '_struct_conn.pdbx_dist_value'                
16 4 'Structure model' '_struct_conn.ptnr2_auth_comp_id'             
17 4 'Structure model' '_struct_conn.ptnr2_auth_seq_id'              
18 4 'Structure model' '_struct_conn.ptnr2_label_atom_id'            
19 4 'Structure model' '_struct_conn.ptnr2_label_comp_id'            
20 4 'Structure model' '_struct_conn.ptnr2_label_seq_id'             
21 4 'Structure model' '_struct_ref_seq_dif.details'                 
22 4 'Structure model' '_struct_site.pdbx_auth_asym_id'              
23 4 'Structure model' '_struct_site.pdbx_auth_comp_id'              
24 4 'Structure model' '_struct_site.pdbx_auth_seq_id'               
# 
_pdbx_database_status.status_code                     REL 
_pdbx_database_status.entry_id                        1Q3Z 
_pdbx_database_status.recvd_initial_deposition_date   2003-08-01 
_pdbx_database_status.deposit_site                    RCSB 
_pdbx_database_status.process_site                    RCSB 
_pdbx_database_status.status_code_mr                  REL 
_pdbx_database_status.SG_entry                        . 
_pdbx_database_status.pdb_format_compatible           Y 
_pdbx_database_status.status_code_sf                  ? 
_pdbx_database_status.status_code_cs                  ? 
_pdbx_database_status.status_code_nmr_data            ? 
_pdbx_database_status.methods_development_category    ? 
# 
loop_
_pdbx_database_related.db_name 
_pdbx_database_related.db_id 
_pdbx_database_related.details 
_pdbx_database_related.content_type 
PDB 1ESK 'Wild type sequence of the same protein'                                                   unspecified 
PDB 1Q3Y 'NMR structure of the Cys28His mutant (D form) of the nucleocapsid protein NCp7 of HIV-1.' unspecified 
# 
loop_
_audit_author.name 
_audit_author.pdbx_ordinal 
'Ramboarina, S.'  1 
'Druillennec, S.' 2 
'Morellet, N.'    3 
'Bouaziz, S.'     4 
'Roques, B.P.'    5 
# 
loop_
_citation.id 
_citation.title 
_citation.journal_abbrev 
_citation.journal_volume 
_citation.page_first 
_citation.page_last 
_citation.year 
_citation.journal_id_ASTM 
_citation.country 
_citation.journal_id_ISSN 
_citation.journal_id_CSD 
_citation.book_publisher 
_citation.pdbx_database_id_PubMed 
_citation.pdbx_database_id_DOI 
primary 
'Target specificity of human immunodeficiency virus type 1 NCp7 requires an intact conformation of its CCHC N-terminal zinc finger.' 
J.Virol.     78 6682 6687 2004 JOVIAM US 0022-538X 0825 ? 15163759 10.1128/JVI.78.12.6682-6687.2004 
1       
;Structural investigation on the requirement of CCHH zinc 
finger type in nucleocapsid protein of human immunodeficiency 
virus 1.
;
Biochemistry 38 9600 9607 1999 BICHAW US 0006-2960 0033 ? ?        10.1021/bi9905258                
# 
loop_
_citation_author.citation_id 
_citation_author.name 
_citation_author.ordinal 
_citation_author.identifier_ORCID 
primary 'Ramboarina, S.'        1 ? 
primary 'Druillennec, S.'       2 ? 
primary 'Morellet, N.'          3 ? 
primary 'Bouaziz, S.'           4 ? 
primary 'Roques, B.P.'          5 ? 
1       'Ramboarina, S.'        6 ? 
1       'Morellet, N.'          7 ? 
1       'Fournie-Zaluski, M.C.' 8 ? 
1       'Roques, B.P.'          9 ? 
# 
loop_
_entity.id 
_entity.type 
_entity.src_method 
_entity.pdbx_description 
_entity.formula_weight 
_entity.pdbx_number_of_molecules 
_entity.pdbx_ec 
_entity.pdbx_mutation 
_entity.pdbx_fragment 
_entity.details 
1 polymer     syn 'GAG protein' 4872.646 1 ? C28H 'RESIDUES 390-431' ? 
2 non-polymer syn 'ZINC ION'    65.409   2 ? ?    ?                  ? 
# 
_entity_poly.entity_id                      1 
_entity_poly.type                           'polypeptide(L)' 
_entity_poly.nstd_linkage                   no 
_entity_poly.nstd_monomer                   no 
_entity_poly.pdbx_seq_one_letter_code       NVKCFNCGKEGHTARNHRAPRKKGCWKCGKEGHQMKDCTERQ 
_entity_poly.pdbx_seq_one_letter_code_can   NVKCFNCGKEGHTARNHRAPRKKGCWKCGKEGHQMKDCTERQ 
_entity_poly.pdbx_strand_id                 A 
_entity_poly.pdbx_target_identifier         ? 
# 
_pdbx_entity_nonpoly.entity_id   2 
_pdbx_entity_nonpoly.name        'ZINC ION' 
_pdbx_entity_nonpoly.comp_id     ZN 
# 
loop_
_entity_poly_seq.entity_id 
_entity_poly_seq.num 
_entity_poly_seq.mon_id 
_entity_poly_seq.hetero 
1 1  ASN n 
1 2  VAL n 
1 3  LYS n 
1 4  CYS n 
1 5  PHE n 
1 6  ASN n 
1 7  CYS n 
1 8  GLY n 
1 9  LYS n 
1 10 GLU n 
1 11 GLY n 
1 12 HIS n 
1 13 THR n 
1 14 ALA n 
1 15 ARG n 
1 16 ASN n 
1 17 HIS n 
1 18 ARG n 
1 19 ALA n 
1 20 PRO n 
1 21 ARG n 
1 22 LYS n 
1 23 LYS n 
1 24 GLY n 
1 25 CYS n 
1 26 TRP n 
1 27 LYS n 
1 28 CYS n 
1 29 GLY n 
1 30 LYS n 
1 31 GLU n 
1 32 GLY n 
1 33 HIS n 
1 34 GLN n 
1 35 MET n 
1 36 LYS n 
1 37 ASP n 
1 38 CYS n 
1 39 THR n 
1 40 GLU n 
1 41 ARG n 
1 42 GLN n 
# 
_pdbx_entity_src_syn.entity_id              1 
_pdbx_entity_src_syn.pdbx_src_id            1 
_pdbx_entity_src_syn.pdbx_alt_source_flag   sample 
_pdbx_entity_src_syn.pdbx_beg_seq_num       ? 
_pdbx_entity_src_syn.pdbx_end_seq_num       ? 
_pdbx_entity_src_syn.organism_scientific    ? 
_pdbx_entity_src_syn.organism_common_name   ? 
_pdbx_entity_src_syn.ncbi_taxonomy_id       ? 
_pdbx_entity_src_syn.details                
'Two peptides have been chemically synthesized with and without a 15N/13C labelled Histidine residue at position 28' 
# 
loop_
_chem_comp.id 
_chem_comp.type 
_chem_comp.mon_nstd_flag 
_chem_comp.name 
_chem_comp.pdbx_synonyms 
_chem_comp.formula 
_chem_comp.formula_weight 
ALA 'L-peptide linking' y ALANINE         ? 'C3 H7 N O2'     89.093  
ARG 'L-peptide linking' y ARGININE        ? 'C6 H15 N4 O2 1' 175.209 
ASN 'L-peptide linking' y ASPARAGINE      ? 'C4 H8 N2 O3'    132.118 
ASP 'L-peptide linking' y 'ASPARTIC ACID' ? 'C4 H7 N O4'     133.103 
CYS 'L-peptide linking' y CYSTEINE        ? 'C3 H7 N O2 S'   121.158 
GLN 'L-peptide linking' y GLUTAMINE       ? 'C5 H10 N2 O3'   146.144 
GLU 'L-peptide linking' y 'GLUTAMIC ACID' ? 'C5 H9 N O4'     147.129 
GLY 'peptide linking'   y GLYCINE         ? 'C2 H5 N O2'     75.067  
HIS 'L-peptide linking' y HISTIDINE       ? 'C6 H10 N3 O2 1' 156.162 
ILE 'L-peptide linking' y ISOLEUCINE      ? 'C6 H13 N O2'    131.173 
LYS 'L-peptide linking' y LYSINE          ? 'C6 H15 N2 O2 1' 147.195 
MET 'L-peptide linking' y METHIONINE      ? 'C5 H11 N O2 S'  149.211 
PHE 'L-peptide linking' y PHENYLALANINE   ? 'C9 H11 N O2'    165.189 
PRO 'L-peptide linking' y PROLINE         ? 'C5 H9 N O2'     115.130 
THR 'L-peptide linking' y THREONINE       ? 'C4 H9 N O3'     119.119 
TRP 'L-peptide linking' y TRYPTOPHAN      ? 'C11 H12 N2 O2'  204.225 
VAL 'L-peptide linking' y VALINE          ? 'C5 H11 N O2'    117.146 
ZN  non-polymer         . 'ZINC ION'      ? 'Zn 2'           65.409  
# 
loop_
_pdbx_poly_seq_scheme.asym_id 
_pdbx_poly_seq_scheme.entity_id 
_pdbx_poly_seq_scheme.seq_id 
_pdbx_poly_seq_scheme.mon_id 
_pdbx_poly_seq_scheme.ndb_seq_num 
_pdbx_poly_seq_scheme.pdb_seq_num 
_pdbx_poly_seq_scheme.auth_seq_num 
_pdbx_poly_seq_scheme.pdb_mon_id 
_pdbx_poly_seq_scheme.auth_mon_id 
_pdbx_poly_seq_scheme.pdb_strand_id 
_pdbx_poly_seq_scheme.pdb_ins_code 
_pdbx_poly_seq_scheme.hetero 
A 1 1  ASN 1  12 ?  ?   ?   A . n 
A 1 2  VAL 2  13 13 VAL VAL A . n 
A 1 3  LYS 3  14 14 LYS LYS A . n 
A 1 4  CYS 4  15 15 CYS CYS A . n 
A 1 5  PHE 5  16 16 PHE PHE A . n 
A 1 6  ASN 6  17 17 ASN ASN A . n 
A 1 7  CYS 7  18 18 CYS CYS A . n 
A 1 8  GLY 8  19 19 GLY GLY A . n 
A 1 9  LYS 9  20 20 LYS LYS A . n 
A 1 10 GLU 10 21 21 GLU GLU A . n 
A 1 11 GLY 11 22 22 GLY GLY A . n 
A 1 12 HIS 12 23 23 HIS HIS A . n 
A 1 13 THR 13 24 24 THR THR A . n 
A 1 14 ALA 14 25 25 ALA ALA A . n 
A 1 15 ARG 15 26 26 ARG ARG A . n 
A 1 16 ASN 16 27 27 ASN ASN A . n 
A 1 17 HIS 17 28 28 HIS HIS A . n 
A 1 18 ARG 18 29 29 ARG ARG A . n 
A 1 19 ALA 19 30 30 ALA ALA A . n 
A 1 20 PRO 20 31 31 PRO PRO A . n 
A 1 21 ARG 21 32 32 ARG ARG A . n 
A 1 22 LYS 22 33 33 LYS LYS A . n 
A 1 23 LYS 23 34 34 LYS LYS A . n 
A 1 24 GLY 24 35 35 GLY GLY A . n 
A 1 25 CYS 25 36 36 CYS CYS A . n 
A 1 26 TRP 26 37 37 TRP TRP A . n 
A 1 27 LYS 27 38 38 LYS LYS A . n 
A 1 28 CYS 28 39 39 CYS CYS A . n 
A 1 29 GLY 29 40 40 GLY GLY A . n 
A 1 30 LYS 30 41 41 LYS LYS A . n 
A 1 31 GLU 31 42 42 GLU GLU A . n 
A 1 32 GLY 32 43 43 GLY GLY A . n 
A 1 33 HIS 33 44 44 HIS HIS A . n 
A 1 34 GLN 34 45 45 GLN GLN A . n 
A 1 35 MET 35 46 46 MET MET A . n 
A 1 36 LYS 36 47 47 LYS LYS A . n 
A 1 37 ASP 37 48 48 ASP ASP A . n 
A 1 38 CYS 38 49 49 CYS CYS A . n 
A 1 39 THR 39 50 50 THR THR A . n 
A 1 40 GLU 40 51 51 GLU GLU A . n 
A 1 41 ARG 41 52 52 ARG ARG A . n 
A 1 42 GLN 42 53 53 GLN GLN A . n 
# 
loop_
_pdbx_nonpoly_scheme.asym_id 
_pdbx_nonpoly_scheme.entity_id 
_pdbx_nonpoly_scheme.mon_id 
_pdbx_nonpoly_scheme.ndb_seq_num 
_pdbx_nonpoly_scheme.pdb_seq_num 
_pdbx_nonpoly_scheme.auth_seq_num 
_pdbx_nonpoly_scheme.pdb_mon_id 
_pdbx_nonpoly_scheme.auth_mon_id 
_pdbx_nonpoly_scheme.pdb_strand_id 
_pdbx_nonpoly_scheme.pdb_ins_code 
B 2 ZN 1 1 1 ZN ZN A . 
C 2 ZN 1 2 2 ZN ZN A . 
# 
_exptl.entry_id          1Q3Z 
_exptl.method            'SOLUTION NMR' 
_exptl.crystals_number   ? 
# 
_exptl_crystal.id                    1 
_exptl_crystal.density_meas          ? 
_exptl_crystal.density_Matthews      ? 
_exptl_crystal.density_percent_sol   ? 
_exptl_crystal.description           ? 
# 
_diffrn.id                     1 
_diffrn.ambient_temp           ? 
_diffrn.ambient_temp_details   ? 
_diffrn.crystal_id             1 
# 
_diffrn_radiation.diffrn_id                        1 
_diffrn_radiation.wavelength_id                    1 
_diffrn_radiation.pdbx_monochromatic_or_laue_m_l   M 
_diffrn_radiation.monochromator                    ? 
_diffrn_radiation.pdbx_diffrn_protocol             'SINGLE WAVELENGTH' 
_diffrn_radiation.pdbx_scattering_type             ? 
# 
_diffrn_radiation_wavelength.id           1 
_diffrn_radiation_wavelength.wavelength   . 
_diffrn_radiation_wavelength.wt           1.0 
# 
_struct.entry_id                  1Q3Z 
_struct.title                     'NMR structure of the Cys28His mutant (E form) of the nucleocapsid protein NCp7 of HIV-1.' 
_struct.pdbx_model_details        ? 
_struct.pdbx_CASP_flag            ? 
_struct.pdbx_model_type_details   ? 
# 
_struct_keywords.entry_id        1Q3Z 
_struct_keywords.pdbx_keywords   'VIRAL PROTEIN' 
_struct_keywords.text            'CCHC zinc knuckle, CCHH zinc knuckle, Viral protein' 
# 
loop_
_struct_asym.id 
_struct_asym.pdbx_blank_PDB_chainid_flag 
_struct_asym.pdbx_modified 
_struct_asym.entity_id 
_struct_asym.details 
A N N 1 ? 
B N N 2 ? 
C N N 2 ? 
# 
_struct_ref.id                         1 
_struct_ref.db_name                    UNP 
_struct_ref.db_code                    Q9PY17_9HIV1 
_struct_ref.pdbx_db_accession          Q9PY17 
_struct_ref.entity_id                  1 
_struct_ref.pdbx_seq_one_letter_code   NIKCFNCGKEGHTARNCRAPRKKGCWKCGKEGHQMKDCTERQ 
_struct_ref.pdbx_align_begin           390 
_struct_ref.pdbx_db_isoform            ? 
# 
_struct_ref_seq.align_id                      1 
_struct_ref_seq.ref_id                        1 
_struct_ref_seq.pdbx_PDB_id_code              1Q3Z 
_struct_ref_seq.pdbx_strand_id                A 
_struct_ref_seq.seq_align_beg                 1 
_struct_ref_seq.pdbx_seq_align_beg_ins_code   ? 
_struct_ref_seq.seq_align_end                 42 
_struct_ref_seq.pdbx_seq_align_end_ins_code   ? 
_struct_ref_seq.pdbx_db_accession             Q9PY17 
_struct_ref_seq.db_align_beg                  390 
_struct_ref_seq.pdbx_db_align_beg_ins_code    ? 
_struct_ref_seq.db_align_end                  431 
_struct_ref_seq.pdbx_db_align_end_ins_code    ? 
_struct_ref_seq.pdbx_auth_seq_align_beg       12 
_struct_ref_seq.pdbx_auth_seq_align_end       53 
# 
loop_
_struct_ref_seq_dif.align_id 
_struct_ref_seq_dif.pdbx_pdb_id_code 
_struct_ref_seq_dif.mon_id 
_struct_ref_seq_dif.pdbx_pdb_strand_id 
_struct_ref_seq_dif.seq_num 
_struct_ref_seq_dif.pdbx_pdb_ins_code 
_struct_ref_seq_dif.pdbx_seq_db_name 
_struct_ref_seq_dif.pdbx_seq_db_accession_code 
_struct_ref_seq_dif.db_mon_id 
_struct_ref_seq_dif.pdbx_seq_db_seq_num 
_struct_ref_seq_dif.details 
_struct_ref_seq_dif.pdbx_auth_seq_num 
_struct_ref_seq_dif.pdbx_ordinal 
1 1Q3Z VAL A 2  ? UNP Q9PY17 ILE 391 'SEE REMARK 999'      13 1 
1 1Q3Z HIS A 17 ? UNP Q9PY17 CYS 406 'engineered mutation' 28 2 
# 
_pdbx_struct_assembly.id                   1 
_pdbx_struct_assembly.details              author_defined_assembly 
_pdbx_struct_assembly.method_details       ? 
_pdbx_struct_assembly.oligomeric_details   monomeric 
_pdbx_struct_assembly.oligomeric_count     1 
# 
_pdbx_struct_assembly_gen.assembly_id       1 
_pdbx_struct_assembly_gen.oper_expression   1 
_pdbx_struct_assembly_gen.asym_id_list      A,B,C 
# 
_pdbx_struct_oper_list.id                   1 
_pdbx_struct_oper_list.type                 'identity operation' 
_pdbx_struct_oper_list.name                 1_555 
_pdbx_struct_oper_list.symmetry_operation   ? 
_pdbx_struct_oper_list.matrix[1][1]         1.0000000000 
_pdbx_struct_oper_list.matrix[1][2]         0.0000000000 
_pdbx_struct_oper_list.matrix[1][3]         0.0000000000 
_pdbx_struct_oper_list.vector[1]            0.0000000000 
_pdbx_struct_oper_list.matrix[2][1]         0.0000000000 
_pdbx_struct_oper_list.matrix[2][2]         1.0000000000 
_pdbx_struct_oper_list.matrix[2][3]         0.0000000000 
_pdbx_struct_oper_list.vector[2]            0.0000000000 
_pdbx_struct_oper_list.matrix[3][1]         0.0000000000 
_pdbx_struct_oper_list.matrix[3][2]         0.0000000000 
_pdbx_struct_oper_list.matrix[3][3]         1.0000000000 
_pdbx_struct_oper_list.vector[3]            0.0000000000 
# 
_struct_biol.id   1 
# 
loop_
_struct_conn.id 
_struct_conn.conn_type_id 
_struct_conn.pdbx_leaving_atom_flag 
_struct_conn.pdbx_PDB_id 
_struct_conn.ptnr1_label_asym_id 
_struct_conn.ptnr1_label_comp_id 
_struct_conn.ptnr1_label_seq_id 
_struct_conn.ptnr1_label_atom_id 
_struct_conn.pdbx_ptnr1_label_alt_id 
_struct_conn.pdbx_ptnr1_PDB_ins_code 
_struct_conn.pdbx_ptnr1_standard_comp_id 
_struct_conn.ptnr1_symmetry 
_struct_conn.ptnr2_label_asym_id 
_struct_conn.ptnr2_label_comp_id 
_struct_conn.ptnr2_label_seq_id 
_struct_conn.ptnr2_label_atom_id 
_struct_conn.pdbx_ptnr2_label_alt_id 
_struct_conn.pdbx_ptnr2_PDB_ins_code 
_struct_conn.ptnr1_auth_asym_id 
_struct_conn.ptnr1_auth_comp_id 
_struct_conn.ptnr1_auth_seq_id 
_struct_conn.ptnr2_auth_asym_id 
_struct_conn.ptnr2_auth_comp_id 
_struct_conn.ptnr2_auth_seq_id 
_struct_conn.ptnr2_symmetry 
_struct_conn.pdbx_ptnr3_label_atom_id 
_struct_conn.pdbx_ptnr3_label_seq_id 
_struct_conn.pdbx_ptnr3_label_comp_id 
_struct_conn.pdbx_ptnr3_label_asym_id 
_struct_conn.pdbx_ptnr3_label_alt_id 
_struct_conn.pdbx_ptnr3_PDB_ins_code 
_struct_conn.details 
_struct_conn.pdbx_dist_value 
_struct_conn.pdbx_value_order 
_struct_conn.pdbx_role 
metalc1 metalc ? ? B ZN . ZN ? ? ? 1_555 A CYS 4  SG  ? ? A ZN 1 A CYS 15 1_555 ? ? ? ? ? ? ? 2.558 ? ? 
metalc2 metalc ? ? B ZN . ZN ? ? ? 1_555 A CYS 7  SG  ? ? A ZN 1 A CYS 18 1_555 ? ? ? ? ? ? ? 2.537 ? ? 
metalc3 metalc ? ? B ZN . ZN ? ? ? 1_555 A HIS 12 ND1 ? ? A ZN 1 A HIS 23 1_555 ? ? ? ? ? ? ? 2.243 ? ? 
metalc4 metalc ? ? B ZN . ZN ? ? ? 1_555 A HIS 17 NE2 ? ? A ZN 1 A HIS 28 1_555 ? ? ? ? ? ? ? 2.350 ? ? 
metalc5 metalc ? ? C ZN . ZN ? ? ? 1_555 A CYS 25 SG  ? ? A ZN 2 A CYS 36 1_555 ? ? ? ? ? ? ? 2.618 ? ? 
metalc6 metalc ? ? C ZN . ZN ? ? ? 1_555 A CYS 28 SG  ? ? A ZN 2 A CYS 39 1_555 ? ? ? ? ? ? ? 2.633 ? ? 
metalc7 metalc ? ? C ZN . ZN ? ? ? 1_555 A HIS 33 NE2 ? ? A ZN 2 A HIS 44 1_555 ? ? ? ? ? ? ? 2.402 ? ? 
metalc8 metalc ? ? C ZN . ZN ? ? ? 1_555 A CYS 38 SG  ? ? A ZN 2 A CYS 49 1_555 ? ? ? ? ? ? ? 2.608 ? ? 
# 
_struct_conn_type.id          metalc 
_struct_conn_type.criteria    ? 
_struct_conn_type.reference   ? 
# 
loop_
_pdbx_struct_conn_angle.id 
_pdbx_struct_conn_angle.ptnr1_label_atom_id 
_pdbx_struct_conn_angle.ptnr1_label_alt_id 
_pdbx_struct_conn_angle.ptnr1_label_asym_id 
_pdbx_struct_conn_angle.ptnr1_label_comp_id 
_pdbx_struct_conn_angle.ptnr1_label_seq_id 
_pdbx_struct_conn_angle.ptnr1_auth_atom_id 
_pdbx_struct_conn_angle.ptnr1_auth_asym_id 
_pdbx_struct_conn_angle.ptnr1_auth_comp_id 
_pdbx_struct_conn_angle.ptnr1_auth_seq_id 
_pdbx_struct_conn_angle.ptnr1_PDB_ins_code 
_pdbx_struct_conn_angle.ptnr1_symmetry 
_pdbx_struct_conn_angle.ptnr2_label_atom_id 
_pdbx_struct_conn_angle.ptnr2_label_alt_id 
_pdbx_struct_conn_angle.ptnr2_label_asym_id 
_pdbx_struct_conn_angle.ptnr2_label_comp_id 
_pdbx_struct_conn_angle.ptnr2_label_seq_id 
_pdbx_struct_conn_angle.ptnr2_auth_atom_id 
_pdbx_struct_conn_angle.ptnr2_auth_asym_id 
_pdbx_struct_conn_angle.ptnr2_auth_comp_id 
_pdbx_struct_conn_angle.ptnr2_auth_seq_id 
_pdbx_struct_conn_angle.ptnr2_PDB_ins_code 
_pdbx_struct_conn_angle.ptnr2_symmetry 
_pdbx_struct_conn_angle.ptnr3_label_atom_id 
_pdbx_struct_conn_angle.ptnr3_label_alt_id 
_pdbx_struct_conn_angle.ptnr3_label_asym_id 
_pdbx_struct_conn_angle.ptnr3_label_comp_id 
_pdbx_struct_conn_angle.ptnr3_label_seq_id 
_pdbx_struct_conn_angle.ptnr3_auth_atom_id 
_pdbx_struct_conn_angle.ptnr3_auth_asym_id 
_pdbx_struct_conn_angle.ptnr3_auth_comp_id 
_pdbx_struct_conn_angle.ptnr3_auth_seq_id 
_pdbx_struct_conn_angle.ptnr3_PDB_ins_code 
_pdbx_struct_conn_angle.ptnr3_symmetry 
_pdbx_struct_conn_angle.value 
_pdbx_struct_conn_angle.value_esd 
1  SG  ? A CYS 4  ? A CYS 15 ? 1_555 ZN ? B ZN . ? A ZN 1 ? 1_555 SG  ? A CYS 7  ? A CYS 18 ? 1_555 118.8 ? 
2  SG  ? A CYS 4  ? A CYS 15 ? 1_555 ZN ? B ZN . ? A ZN 1 ? 1_555 ND1 ? A HIS 12 ? A HIS 23 ? 1_555 106.3 ? 
3  SG  ? A CYS 7  ? A CYS 18 ? 1_555 ZN ? B ZN . ? A ZN 1 ? 1_555 ND1 ? A HIS 12 ? A HIS 23 ? 1_555 127.0 ? 
4  SG  ? A CYS 4  ? A CYS 15 ? 1_555 ZN ? B ZN . ? A ZN 1 ? 1_555 NE2 ? A HIS 17 ? A HIS 28 ? 1_555 79.4  ? 
5  SG  ? A CYS 7  ? A CYS 18 ? 1_555 ZN ? B ZN . ? A ZN 1 ? 1_555 NE2 ? A HIS 17 ? A HIS 28 ? 1_555 91.3  ? 
6  ND1 ? A HIS 12 ? A HIS 23 ? 1_555 ZN ? B ZN . ? A ZN 1 ? 1_555 NE2 ? A HIS 17 ? A HIS 28 ? 1_555 70.3  ? 
7  SG  ? A CYS 25 ? A CYS 36 ? 1_555 ZN ? C ZN . ? A ZN 2 ? 1_555 SG  ? A CYS 28 ? A CYS 39 ? 1_555 119.6 ? 
8  SG  ? A CYS 25 ? A CYS 36 ? 1_555 ZN ? C ZN . ? A ZN 2 ? 1_555 NE2 ? A HIS 33 ? A HIS 44 ? 1_555 88.6  ? 
9  SG  ? A CYS 28 ? A CYS 39 ? 1_555 ZN ? C ZN . ? A ZN 2 ? 1_555 NE2 ? A HIS 33 ? A HIS 44 ? 1_555 113.1 ? 
10 SG  ? A CYS 25 ? A CYS 36 ? 1_555 ZN ? C ZN . ? A ZN 2 ? 1_555 SG  ? A CYS 38 ? A CYS 49 ? 1_555 107.6 ? 
11 SG  ? A CYS 28 ? A CYS 39 ? 1_555 ZN ? C ZN . ? A ZN 2 ? 1_555 SG  ? A CYS 38 ? A CYS 49 ? 1_555 111.7 ? 
12 NE2 ? A HIS 33 ? A HIS 44 ? 1_555 ZN ? C ZN . ? A ZN 2 ? 1_555 SG  ? A CYS 38 ? A CYS 49 ? 1_555 114.5 ? 
# 
loop_
_struct_site.id 
_struct_site.pdbx_evidence_code 
_struct_site.pdbx_auth_asym_id 
_struct_site.pdbx_auth_comp_id 
_struct_site.pdbx_auth_seq_id 
_struct_site.pdbx_auth_ins_code 
_struct_site.pdbx_num_residues 
_struct_site.details 
AC1 Software A ZN 1 ? 5 'BINDING SITE FOR RESIDUE ZN A 1' 
AC2 Software A ZN 2 ? 5 'BINDING SITE FOR RESIDUE ZN A 2' 
# 
loop_
_struct_site_gen.id 
_struct_site_gen.site_id 
_struct_site_gen.pdbx_num_res 
_struct_site_gen.label_comp_id 
_struct_site_gen.label_asym_id 
_struct_site_gen.label_seq_id 
_struct_site_gen.pdbx_auth_ins_code 
_struct_site_gen.auth_comp_id 
_struct_site_gen.auth_asym_id 
_struct_site_gen.auth_seq_id 
_struct_site_gen.label_atom_id 
_struct_site_gen.label_alt_id 
_struct_site_gen.symmetry 
_struct_site_gen.details 
1  AC1 5 CYS A 4  ? CYS A 15 . ? 1_555 ? 
2  AC1 5 CYS A 7  ? CYS A 18 . ? 1_555 ? 
3  AC1 5 LYS A 9  ? LYS A 20 . ? 1_555 ? 
4  AC1 5 HIS A 12 ? HIS A 23 . ? 1_555 ? 
5  AC1 5 HIS A 17 ? HIS A 28 . ? 1_555 ? 
6  AC2 5 CYS A 25 ? CYS A 36 . ? 1_555 ? 
7  AC2 5 CYS A 28 ? CYS A 39 . ? 1_555 ? 
8  AC2 5 LYS A 30 ? LYS A 41 . ? 1_555 ? 
9  AC2 5 HIS A 33 ? HIS A 44 . ? 1_555 ? 
10 AC2 5 CYS A 38 ? CYS A 49 . ? 1_555 ? 
# 
loop_
_pdbx_validate_torsion.id 
_pdbx_validate_torsion.PDB_model_num 
_pdbx_validate_torsion.auth_comp_id 
_pdbx_validate_torsion.auth_asym_id 
_pdbx_validate_torsion.auth_seq_id 
_pdbx_validate_torsion.PDB_ins_code 
_pdbx_validate_torsion.label_alt_id 
_pdbx_validate_torsion.phi 
_pdbx_validate_torsion.psi 
1 1 PHE A 16 ? ? 74.34   -55.91  
2 1 ASN A 17 ? ? -158.45 -40.01  
3 1 THR A 24 ? ? 51.54   99.83   
4 1 ARG A 26 ? ? -151.11 -52.98  
5 1 LYS A 33 ? ? 68.27   158.80  
6 1 TRP A 37 ? ? 54.51   19.60   
7 1 LYS A 38 ? ? -172.57 -38.74  
8 1 GLN A 45 ? ? -108.48 -150.59 
# 
loop_
_pdbx_validate_planes.id 
_pdbx_validate_planes.PDB_model_num 
_pdbx_validate_planes.auth_comp_id 
_pdbx_validate_planes.auth_asym_id 
_pdbx_validate_planes.auth_seq_id 
_pdbx_validate_planes.PDB_ins_code 
_pdbx_validate_planes.label_alt_id 
_pdbx_validate_planes.rmsd 
_pdbx_validate_planes.type 
1 1 ARG A 26 ? ? 0.271 'SIDE CHAIN' 
2 1 ARG A 29 ? ? 0.249 'SIDE CHAIN' 
3 1 ARG A 32 ? ? 0.274 'SIDE CHAIN' 
4 1 ARG A 52 ? ? 0.287 'SIDE CHAIN' 
# 
_pdbx_database_remark.id     999 
_pdbx_database_remark.text   
;SEQUENCE
The sequence here corresponds to a strain different 
than that found in the sequence database (GenBank accession 
CAB98186).
;
# 
_pdbx_nmr_ensemble.entry_id                                      1Q3Z 
_pdbx_nmr_ensemble.conformers_calculated_total_number            100 
_pdbx_nmr_ensemble.conformers_submitted_total_number             1 
_pdbx_nmr_ensemble.conformer_selection_criteria                  
;structures with acceptable covalent geometry,structures with favorable non-bond energy,structures with the least restraint violations,structures with the lowest energy
;
_pdbx_nmr_ensemble.average_constraints_per_residue               ? 
_pdbx_nmr_ensemble.average_constraint_violations_per_residue     ? 
_pdbx_nmr_ensemble.maximum_distance_constraint_violation         ? 
_pdbx_nmr_ensemble.average_distance_constraint_violation         ? 
_pdbx_nmr_ensemble.maximum_upper_distance_constraint_violation   ? 
_pdbx_nmr_ensemble.maximum_lower_distance_constraint_violation   ? 
_pdbx_nmr_ensemble.distance_constraint_violation_method          ? 
_pdbx_nmr_ensemble.maximum_torsion_angle_constraint_violation    ? 
_pdbx_nmr_ensemble.average_torsion_angle_constraint_violation    ? 
_pdbx_nmr_ensemble.torsion_angle_constraint_violation_method     ? 
# 
_pdbx_nmr_representative.entry_id             1Q3Z 
_pdbx_nmr_representative.conformer_id         1 
_pdbx_nmr_representative.selection_criteria   'fewest violations,lowest energy' 
# 
loop_
_pdbx_nmr_sample_details.solution_id 
_pdbx_nmr_sample_details.contents 
_pdbx_nmr_sample_details.solvent_system 
1 '2 mM His28(12-53)NCp7 90% H2O, 10% D2O with 3 equivalents of zinc' '90% H2O, 10% D2O, pH 6.6 from 278K to 323K' 
2 '2 mM His28(12-53)NCp7 100% D2O with 3 equivalents of zinc'         '100% D2O, pH 6.6 from 278K to 323K'         
# 
loop_
_pdbx_nmr_exptl_sample_conditions.conditions_id 
_pdbx_nmr_exptl_sample_conditions.temperature 
_pdbx_nmr_exptl_sample_conditions.pressure 
_pdbx_nmr_exptl_sample_conditions.pH 
_pdbx_nmr_exptl_sample_conditions.ionic_strength 
_pdbx_nmr_exptl_sample_conditions.pressure_units 
_pdbx_nmr_exptl_sample_conditions.temperature_units 
1 278 ambient 6.6 '6 mM ZnSO4' ? K 
2 293 ambient 6.6 '6 mM ZnSO4' ? K 
# 
loop_
_pdbx_nmr_exptl.experiment_id 
_pdbx_nmr_exptl.solution_id 
_pdbx_nmr_exptl.conditions_id 
_pdbx_nmr_exptl.type 
1 1 1 '2D TOCSY'    
2 1 1 '2D NOESY'    
3 1 1 '1H-15N HSQC' 
4 2 1 '2D TOCSY'    
5 2 1 '2D NOESY'    
# 
_pdbx_nmr_details.entry_id   1Q3Z 
_pdbx_nmr_details.text       
;The structure was determined 
using standard 2D homonuclear 
experiments and 1H-15N HSQC 
experiments.
;
# 
_pdbx_nmr_refine.entry_id           1Q3Z 
_pdbx_nmr_refine.method             'distance geometry, simulated annealing and molecular dynamics' 
_pdbx_nmr_refine.details            'The structure has been calculated using 339 NOE derived distance restraints.' 
_pdbx_nmr_refine.software_ordinal   1 
# 
loop_
_pdbx_nmr_software.name 
_pdbx_nmr_software.version 
_pdbx_nmr_software.classification 
_pdbx_nmr_software.authors 
_pdbx_nmr_software.ordinal 
XwinNMR 'Version 3.0'   collection      Bruker   1 
XwinNMR 'Version 3.0'   processing      Bruker   2 
Felix   'Version 98.0'  'data analysis' Accelrys 3 
X-PLOR  'Version 3.851' refinement      Brunger  4 
# 
_pdbx_unobs_or_zero_occ_residues.id               1 
_pdbx_unobs_or_zero_occ_residues.PDB_model_num    1 
_pdbx_unobs_or_zero_occ_residues.polymer_flag     Y 
_pdbx_unobs_or_zero_occ_residues.occupancy_flag   1 
_pdbx_unobs_or_zero_occ_residues.auth_asym_id     A 
_pdbx_unobs_or_zero_occ_residues.auth_comp_id     ASN 
_pdbx_unobs_or_zero_occ_residues.auth_seq_id      12 
_pdbx_unobs_or_zero_occ_residues.PDB_ins_code     ? 
_pdbx_unobs_or_zero_occ_residues.label_asym_id    A 
_pdbx_unobs_or_zero_occ_residues.label_comp_id    ASN 
_pdbx_unobs_or_zero_occ_residues.label_seq_id     1 
# 
loop_
_chem_comp_atom.comp_id 
_chem_comp_atom.atom_id 
_chem_comp_atom.type_symbol 
_chem_comp_atom.pdbx_aromatic_flag 
_chem_comp_atom.pdbx_stereo_config 
_chem_comp_atom.pdbx_ordinal 
ALA N    N  N N 1   
ALA CA   C  N S 2   
ALA C    C  N N 3   
ALA O    O  N N 4   
ALA CB   C  N N 5   
ALA OXT  O  N N 6   
ALA H    H  N N 7   
ALA H2   H  N N 8   
ALA HA   H  N N 9   
ALA HB1  H  N N 10  
ALA HB2  H  N N 11  
ALA HB3  H  N N 12  
ALA HXT  H  N N 13  
ARG N    N  N N 14  
ARG CA   C  N S 15  
ARG C    C  N N 16  
ARG O    O  N N 17  
ARG CB   C  N N 18  
ARG CG   C  N N 19  
ARG CD   C  N N 20  
ARG NE   N  N N 21  
ARG CZ   C  N N 22  
ARG NH1  N  N N 23  
ARG NH2  N  N N 24  
ARG OXT  O  N N 25  
ARG H    H  N N 26  
ARG H2   H  N N 27  
ARG HA   H  N N 28  
ARG HB2  H  N N 29  
ARG HB3  H  N N 30  
ARG HG2  H  N N 31  
ARG HG3  H  N N 32  
ARG HD2  H  N N 33  
ARG HD3  H  N N 34  
ARG HE   H  N N 35  
ARG HH11 H  N N 36  
ARG HH12 H  N N 37  
ARG HH21 H  N N 38  
ARG HH22 H  N N 39  
ARG HXT  H  N N 40  
ASN N    N  N N 41  
ASN CA   C  N S 42  
ASN C    C  N N 43  
ASN O    O  N N 44  
ASN CB   C  N N 45  
ASN CG   C  N N 46  
ASN OD1  O  N N 47  
ASN ND2  N  N N 48  
ASN OXT  O  N N 49  
ASN H    H  N N 50  
ASN H2   H  N N 51  
ASN HA   H  N N 52  
ASN HB2  H  N N 53  
ASN HB3  H  N N 54  
ASN HD21 H  N N 55  
ASN HD22 H  N N 56  
ASN HXT  H  N N 57  
ASP N    N  N N 58  
ASP CA   C  N S 59  
ASP C    C  N N 60  
ASP O    O  N N 61  
ASP CB   C  N N 62  
ASP CG   C  N N 63  
ASP OD1  O  N N 64  
ASP OD2  O  N N 65  
ASP OXT  O  N N 66  
ASP H    H  N N 67  
ASP H2   H  N N 68  
ASP HA   H  N N 69  
ASP HB2  H  N N 70  
ASP HB3  H  N N 71  
ASP HD2  H  N N 72  
ASP HXT  H  N N 73  
CYS N    N  N N 74  
CYS CA   C  N R 75  
CYS C    C  N N 76  
CYS O    O  N N 77  
CYS CB   C  N N 78  
CYS SG   S  N N 79  
CYS OXT  O  N N 80  
CYS H    H  N N 81  
CYS H2   H  N N 82  
CYS HA   H  N N 83  
CYS HB2  H  N N 84  
CYS HB3  H  N N 85  
CYS HG   H  N N 86  
CYS HXT  H  N N 87  
GLN N    N  N N 88  
GLN CA   C  N S 89  
GLN C    C  N N 90  
GLN O    O  N N 91  
GLN CB   C  N N 92  
GLN CG   C  N N 93  
GLN CD   C  N N 94  
GLN OE1  O  N N 95  
GLN NE2  N  N N 96  
GLN OXT  O  N N 97  
GLN H    H  N N 98  
GLN H2   H  N N 99  
GLN HA   H  N N 100 
GLN HB2  H  N N 101 
GLN HB3  H  N N 102 
GLN HG2  H  N N 103 
GLN HG3  H  N N 104 
GLN HE21 H  N N 105 
GLN HE22 H  N N 106 
GLN HXT  H  N N 107 
GLU N    N  N N 108 
GLU CA   C  N S 109 
GLU C    C  N N 110 
GLU O    O  N N 111 
GLU CB   C  N N 112 
GLU CG   C  N N 113 
GLU CD   C  N N 114 
GLU OE1  O  N N 115 
GLU OE2  O  N N 116 
GLU OXT  O  N N 117 
GLU H    H  N N 118 
GLU H2   H  N N 119 
GLU HA   H  N N 120 
GLU HB2  H  N N 121 
GLU HB3  H  N N 122 
GLU HG2  H  N N 123 
GLU HG3  H  N N 124 
GLU HE2  H  N N 125 
GLU HXT  H  N N 126 
GLY N    N  N N 127 
GLY CA   C  N N 128 
GLY C    C  N N 129 
GLY O    O  N N 130 
GLY OXT  O  N N 131 
GLY H    H  N N 132 
GLY H2   H  N N 133 
GLY HA2  H  N N 134 
GLY HA3  H  N N 135 
GLY HXT  H  N N 136 
HIS N    N  N N 137 
HIS CA   C  N S 138 
HIS C    C  N N 139 
HIS O    O  N N 140 
HIS CB   C  N N 141 
HIS CG   C  Y N 142 
HIS ND1  N  Y N 143 
HIS CD2  C  Y N 144 
HIS CE1  C  Y N 145 
HIS NE2  N  Y N 146 
HIS OXT  O  N N 147 
HIS H    H  N N 148 
HIS H2   H  N N 149 
HIS HA   H  N N 150 
HIS HB2  H  N N 151 
HIS HB3  H  N N 152 
HIS HD1  H  N N 153 
HIS HD2  H  N N 154 
HIS HE1  H  N N 155 
HIS HE2  H  N N 156 
HIS HXT  H  N N 157 
ILE N    N  N N 158 
ILE CA   C  N S 159 
ILE C    C  N N 160 
ILE O    O  N N 161 
ILE CB   C  N S 162 
ILE CG1  C  N N 163 
ILE CG2  C  N N 164 
ILE CD1  C  N N 165 
ILE OXT  O  N N 166 
ILE H    H  N N 167 
ILE H2   H  N N 168 
ILE HA   H  N N 169 
ILE HB   H  N N 170 
ILE HG12 H  N N 171 
ILE HG13 H  N N 172 
ILE HG21 H  N N 173 
ILE HG22 H  N N 174 
ILE HG23 H  N N 175 
ILE HD11 H  N N 176 
ILE HD12 H  N N 177 
ILE HD13 H  N N 178 
ILE HXT  H  N N 179 
LYS N    N  N N 180 
LYS CA   C  N S 181 
LYS C    C  N N 182 
LYS O    O  N N 183 
LYS CB   C  N N 184 
LYS CG   C  N N 185 
LYS CD   C  N N 186 
LYS CE   C  N N 187 
LYS NZ   N  N N 188 
LYS OXT  O  N N 189 
LYS H    H  N N 190 
LYS H2   H  N N 191 
LYS HA   H  N N 192 
LYS HB2  H  N N 193 
LYS HB3  H  N N 194 
LYS HG2  H  N N 195 
LYS HG3  H  N N 196 
LYS HD2  H  N N 197 
LYS HD3  H  N N 198 
LYS HE2  H  N N 199 
LYS HE3  H  N N 200 
LYS HZ1  H  N N 201 
LYS HZ2  H  N N 202 
LYS HZ3  H  N N 203 
LYS HXT  H  N N 204 
MET N    N  N N 205 
MET CA   C  N S 206 
MET C    C  N N 207 
MET O    O  N N 208 
MET CB   C  N N 209 
MET CG   C  N N 210 
MET SD   S  N N 211 
MET CE   C  N N 212 
MET OXT  O  N N 213 
MET H    H  N N 214 
MET H2   H  N N 215 
MET HA   H  N N 216 
MET HB2  H  N N 217 
MET HB3  H  N N 218 
MET HG2  H  N N 219 
MET HG3  H  N N 220 
MET HE1  H  N N 221 
MET HE2  H  N N 222 
MET HE3  H  N N 223 
MET HXT  H  N N 224 
PHE N    N  N N 225 
PHE CA   C  N S 226 
PHE C    C  N N 227 
PHE O    O  N N 228 
PHE CB   C  N N 229 
PHE CG   C  Y N 230 
PHE CD1  C  Y N 231 
PHE CD2  C  Y N 232 
PHE CE1  C  Y N 233 
PHE CE2  C  Y N 234 
PHE CZ   C  Y N 235 
PHE OXT  O  N N 236 
PHE H    H  N N 237 
PHE H2   H  N N 238 
PHE HA   H  N N 239 
PHE HB2  H  N N 240 
PHE HB3  H  N N 241 
PHE HD1  H  N N 242 
PHE HD2  H  N N 243 
PHE HE1  H  N N 244 
PHE HE2  H  N N 245 
PHE HZ   H  N N 246 
PHE HXT  H  N N 247 
PRO N    N  N N 248 
PRO CA   C  N S 249 
PRO C    C  N N 250 
PRO O    O  N N 251 
PRO CB   C  N N 252 
PRO CG   C  N N 253 
PRO CD   C  N N 254 
PRO OXT  O  N N 255 
PRO H    H  N N 256 
PRO HA   H  N N 257 
PRO HB2  H  N N 258 
PRO HB3  H  N N 259 
PRO HG2  H  N N 260 
PRO HG3  H  N N 261 
PRO HD2  H  N N 262 
PRO HD3  H  N N 263 
PRO HXT  H  N N 264 
THR N    N  N N 265 
THR CA   C  N S 266 
THR C    C  N N 267 
THR O    O  N N 268 
THR CB   C  N R 269 
THR OG1  O  N N 270 
THR CG2  C  N N 271 
THR OXT  O  N N 272 
THR H    H  N N 273 
THR H2   H  N N 274 
THR HA   H  N N 275 
THR HB   H  N N 276 
THR HG1  H  N N 277 
THR HG21 H  N N 278 
THR HG22 H  N N 279 
THR HG23 H  N N 280 
THR HXT  H  N N 281 
TRP N    N  N N 282 
TRP CA   C  N S 283 
TRP C    C  N N 284 
TRP O    O  N N 285 
TRP CB   C  N N 286 
TRP CG   C  Y N 287 
TRP CD1  C  Y N 288 
TRP CD2  C  Y N 289 
TRP NE1  N  Y N 290 
TRP CE2  C  Y N 291 
TRP CE3  C  Y N 292 
TRP CZ2  C  Y N 293 
TRP CZ3  C  Y N 294 
TRP CH2  C  Y N 295 
TRP OXT  O  N N 296 
TRP H    H  N N 297 
TRP H2   H  N N 298 
TRP HA   H  N N 299 
TRP HB2  H  N N 300 
TRP HB3  H  N N 301 
TRP HD1  H  N N 302 
TRP HE1  H  N N 303 
TRP HE3  H  N N 304 
TRP HZ2  H  N N 305 
TRP HZ3  H  N N 306 
TRP HH2  H  N N 307 
TRP HXT  H  N N 308 
VAL N    N  N N 309 
VAL CA   C  N S 310 
VAL C    C  N N 311 
VAL O    O  N N 312 
VAL CB   C  N N 313 
VAL CG1  C  N N 314 
VAL CG2  C  N N 315 
VAL OXT  O  N N 316 
VAL H    H  N N 317 
VAL H2   H  N N 318 
VAL HA   H  N N 319 
VAL HB   H  N N 320 
VAL HG11 H  N N 321 
VAL HG12 H  N N 322 
VAL HG13 H  N N 323 
VAL HG21 H  N N 324 
VAL HG22 H  N N 325 
VAL HG23 H  N N 326 
VAL HXT  H  N N 327 
ZN  ZN   ZN N N 328 
# 
loop_
_chem_comp_bond.comp_id 
_chem_comp_bond.atom_id_1 
_chem_comp_bond.atom_id_2 
_chem_comp_bond.value_order 
_chem_comp_bond.pdbx_aromatic_flag 
_chem_comp_bond.pdbx_stereo_config 
_chem_comp_bond.pdbx_ordinal 
ALA N   CA   sing N N 1   
ALA N   H    sing N N 2   
ALA N   H2   sing N N 3   
ALA CA  C    sing N N 4   
ALA CA  CB   sing N N 5   
ALA CA  HA   sing N N 6   
ALA C   O    doub N N 7   
ALA C   OXT  sing N N 8   
ALA CB  HB1  sing N N 9   
ALA CB  HB2  sing N N 10  
ALA CB  HB3  sing N N 11  
ALA OXT HXT  sing N N 12  
ARG N   CA   sing N N 13  
ARG N   H    sing N N 14  
ARG N   H2   sing N N 15  
ARG CA  C    sing N N 16  
ARG CA  CB   sing N N 17  
ARG CA  HA   sing N N 18  
ARG C   O    doub N N 19  
ARG C   OXT  sing N N 20  
ARG CB  CG   sing N N 21  
ARG CB  HB2  sing N N 22  
ARG CB  HB3  sing N N 23  
ARG CG  CD   sing N N 24  
ARG CG  HG2  sing N N 25  
ARG CG  HG3  sing N N 26  
ARG CD  NE   sing N N 27  
ARG CD  HD2  sing N N 28  
ARG CD  HD3  sing N N 29  
ARG NE  CZ   sing N N 30  
ARG NE  HE   sing N N 31  
ARG CZ  NH1  sing N N 32  
ARG CZ  NH2  doub N N 33  
ARG NH1 HH11 sing N N 34  
ARG NH1 HH12 sing N N 35  
ARG NH2 HH21 sing N N 36  
ARG NH2 HH22 sing N N 37  
ARG OXT HXT  sing N N 38  
ASN N   CA   sing N N 39  
ASN N   H    sing N N 40  
ASN N   H2   sing N N 41  
ASN CA  C    sing N N 42  
ASN CA  CB   sing N N 43  
ASN CA  HA   sing N N 44  
ASN C   O    doub N N 45  
ASN C   OXT  sing N N 46  
ASN CB  CG   sing N N 47  
ASN CB  HB2  sing N N 48  
ASN CB  HB3  sing N N 49  
ASN CG  OD1  doub N N 50  
ASN CG  ND2  sing N N 51  
ASN ND2 HD21 sing N N 52  
ASN ND2 HD22 sing N N 53  
ASN OXT HXT  sing N N 54  
ASP N   CA   sing N N 55  
ASP N   H    sing N N 56  
ASP N   H2   sing N N 57  
ASP CA  C    sing N N 58  
ASP CA  CB   sing N N 59  
ASP CA  HA   sing N N 60  
ASP C   O    doub N N 61  
ASP C   OXT  sing N N 62  
ASP CB  CG   sing N N 63  
ASP CB  HB2  sing N N 64  
ASP CB  HB3  sing N N 65  
ASP CG  OD1  doub N N 66  
ASP CG  OD2  sing N N 67  
ASP OD2 HD2  sing N N 68  
ASP OXT HXT  sing N N 69  
CYS N   CA   sing N N 70  
CYS N   H    sing N N 71  
CYS N   H2   sing N N 72  
CYS CA  C    sing N N 73  
CYS CA  CB   sing N N 74  
CYS CA  HA   sing N N 75  
CYS C   O    doub N N 76  
CYS C   OXT  sing N N 77  
CYS CB  SG   sing N N 78  
CYS CB  HB2  sing N N 79  
CYS CB  HB3  sing N N 80  
CYS SG  HG   sing N N 81  
CYS OXT HXT  sing N N 82  
GLN N   CA   sing N N 83  
GLN N   H    sing N N 84  
GLN N   H2   sing N N 85  
GLN CA  C    sing N N 86  
GLN CA  CB   sing N N 87  
GLN CA  HA   sing N N 88  
GLN C   O    doub N N 89  
GLN C   OXT  sing N N 90  
GLN CB  CG   sing N N 91  
GLN CB  HB2  sing N N 92  
GLN CB  HB3  sing N N 93  
GLN CG  CD   sing N N 94  
GLN CG  HG2  sing N N 95  
GLN CG  HG3  sing N N 96  
GLN CD  OE1  doub N N 97  
GLN CD  NE2  sing N N 98  
GLN NE2 HE21 sing N N 99  
GLN NE2 HE22 sing N N 100 
GLN OXT HXT  sing N N 101 
GLU N   CA   sing N N 102 
GLU N   H    sing N N 103 
GLU N   H2   sing N N 104 
GLU CA  C    sing N N 105 
GLU CA  CB   sing N N 106 
GLU CA  HA   sing N N 107 
GLU C   O    doub N N 108 
GLU C   OXT  sing N N 109 
GLU CB  CG   sing N N 110 
GLU CB  HB2  sing N N 111 
GLU CB  HB3  sing N N 112 
GLU CG  CD   sing N N 113 
GLU CG  HG2  sing N N 114 
GLU CG  HG3  sing N N 115 
GLU CD  OE1  doub N N 116 
GLU CD  OE2  sing N N 117 
GLU OE2 HE2  sing N N 118 
GLU OXT HXT  sing N N 119 
GLY N   CA   sing N N 120 
GLY N   H    sing N N 121 
GLY N   H2   sing N N 122 
GLY CA  C    sing N N 123 
GLY CA  HA2  sing N N 124 
GLY CA  HA3  sing N N 125 
GLY C   O    doub N N 126 
GLY C   OXT  sing N N 127 
GLY OXT HXT  sing N N 128 
HIS N   CA   sing N N 129 
HIS N   H    sing N N 130 
HIS N   H2   sing N N 131 
HIS CA  C    sing N N 132 
HIS CA  CB   sing N N 133 
HIS CA  HA   sing N N 134 
HIS C   O    doub N N 135 
HIS C   OXT  sing N N 136 
HIS CB  CG   sing N N 137 
HIS CB  HB2  sing N N 138 
HIS CB  HB3  sing N N 139 
HIS CG  ND1  sing Y N 140 
HIS CG  CD2  doub Y N 141 
HIS ND1 CE1  doub Y N 142 
HIS ND1 HD1  sing N N 143 
HIS CD2 NE2  sing Y N 144 
HIS CD2 HD2  sing N N 145 
HIS CE1 NE2  sing Y N 146 
HIS CE1 HE1  sing N N 147 
HIS NE2 HE2  sing N N 148 
HIS OXT HXT  sing N N 149 
ILE N   CA   sing N N 150 
ILE N   H    sing N N 151 
ILE N   H2   sing N N 152 
ILE CA  C    sing N N 153 
ILE CA  CB   sing N N 154 
ILE CA  HA   sing N N 155 
ILE C   O    doub N N 156 
ILE C   OXT  sing N N 157 
ILE CB  CG1  sing N N 158 
ILE CB  CG2  sing N N 159 
ILE CB  HB   sing N N 160 
ILE CG1 CD1  sing N N 161 
ILE CG1 HG12 sing N N 162 
ILE CG1 HG13 sing N N 163 
ILE CG2 HG21 sing N N 164 
ILE CG2 HG22 sing N N 165 
ILE CG2 HG23 sing N N 166 
ILE CD1 HD11 sing N N 167 
ILE CD1 HD12 sing N N 168 
ILE CD1 HD13 sing N N 169 
ILE OXT HXT  sing N N 170 
LYS N   CA   sing N N 171 
LYS N   H    sing N N 172 
LYS N   H2   sing N N 173 
LYS CA  C    sing N N 174 
LYS CA  CB   sing N N 175 
LYS CA  HA   sing N N 176 
LYS C   O    doub N N 177 
LYS C   OXT  sing N N 178 
LYS CB  CG   sing N N 179 
LYS CB  HB2  sing N N 180 
LYS CB  HB3  sing N N 181 
LYS CG  CD   sing N N 182 
LYS CG  HG2  sing N N 183 
LYS CG  HG3  sing N N 184 
LYS CD  CE   sing N N 185 
LYS CD  HD2  sing N N 186 
LYS CD  HD3  sing N N 187 
LYS CE  NZ   sing N N 188 
LYS CE  HE2  sing N N 189 
LYS CE  HE3  sing N N 190 
LYS NZ  HZ1  sing N N 191 
LYS NZ  HZ2  sing N N 192 
LYS NZ  HZ3  sing N N 193 
LYS OXT HXT  sing N N 194 
MET N   CA   sing N N 195 
MET N   H    sing N N 196 
MET N   H2   sing N N 197 
MET CA  C    sing N N 198 
MET CA  CB   sing N N 199 
MET CA  HA   sing N N 200 
MET C   O    doub N N 201 
MET C   OXT  sing N N 202 
MET CB  CG   sing N N 203 
MET CB  HB2  sing N N 204 
MET CB  HB3  sing N N 205 
MET CG  SD   sing N N 206 
MET CG  HG2  sing N N 207 
MET CG  HG3  sing N N 208 
MET SD  CE   sing N N 209 
MET CE  HE1  sing N N 210 
MET CE  HE2  sing N N 211 
MET CE  HE3  sing N N 212 
MET OXT HXT  sing N N 213 
PHE N   CA   sing N N 214 
PHE N   H    sing N N 215 
PHE N   H2   sing N N 216 
PHE CA  C    sing N N 217 
PHE CA  CB   sing N N 218 
PHE CA  HA   sing N N 219 
PHE C   O    doub N N 220 
PHE C   OXT  sing N N 221 
PHE CB  CG   sing N N 222 
PHE CB  HB2  sing N N 223 
PHE CB  HB3  sing N N 224 
PHE CG  CD1  doub Y N 225 
PHE CG  CD2  sing Y N 226 
PHE CD1 CE1  sing Y N 227 
PHE CD1 HD1  sing N N 228 
PHE CD2 CE2  doub Y N 229 
PHE CD2 HD2  sing N N 230 
PHE CE1 CZ   doub Y N 231 
PHE CE1 HE1  sing N N 232 
PHE CE2 CZ   sing Y N 233 
PHE CE2 HE2  sing N N 234 
PHE CZ  HZ   sing N N 235 
PHE OXT HXT  sing N N 236 
PRO N   CA   sing N N 237 
PRO N   CD   sing N N 238 
PRO N   H    sing N N 239 
PRO CA  C    sing N N 240 
PRO CA  CB   sing N N 241 
PRO CA  HA   sing N N 242 
PRO C   O    doub N N 243 
PRO C   OXT  sing N N 244 
PRO CB  CG   sing N N 245 
PRO CB  HB2  sing N N 246 
PRO CB  HB3  sing N N 247 
PRO CG  CD   sing N N 248 
PRO CG  HG2  sing N N 249 
PRO CG  HG3  sing N N 250 
PRO CD  HD2  sing N N 251 
PRO CD  HD3  sing N N 252 
PRO OXT HXT  sing N N 253 
THR N   CA   sing N N 254 
THR N   H    sing N N 255 
THR N   H2   sing N N 256 
THR CA  C    sing N N 257 
THR CA  CB   sing N N 258 
THR CA  HA   sing N N 259 
THR C   O    doub N N 260 
THR C   OXT  sing N N 261 
THR CB  OG1  sing N N 262 
THR CB  CG2  sing N N 263 
THR CB  HB   sing N N 264 
THR OG1 HG1  sing N N 265 
THR CG2 HG21 sing N N 266 
THR CG2 HG22 sing N N 267 
THR CG2 HG23 sing N N 268 
THR OXT HXT  sing N N 269 
TRP N   CA   sing N N 270 
TRP N   H    sing N N 271 
TRP N   H2   sing N N 272 
TRP CA  C    sing N N 273 
TRP CA  CB   sing N N 274 
TRP CA  HA   sing N N 275 
TRP C   O    doub N N 276 
TRP C   OXT  sing N N 277 
TRP CB  CG   sing N N 278 
TRP CB  HB2  sing N N 279 
TRP CB  HB3  sing N N 280 
TRP CG  CD1  doub Y N 281 
TRP CG  CD2  sing Y N 282 
TRP CD1 NE1  sing Y N 283 
TRP CD1 HD1  sing N N 284 
TRP CD2 CE2  doub Y N 285 
TRP CD2 CE3  sing Y N 286 
TRP NE1 CE2  sing Y N 287 
TRP NE1 HE1  sing N N 288 
TRP CE2 CZ2  sing Y N 289 
TRP CE3 CZ3  doub Y N 290 
TRP CE3 HE3  sing N N 291 
TRP CZ2 CH2  doub Y N 292 
TRP CZ2 HZ2  sing N N 293 
TRP CZ3 CH2  sing Y N 294 
TRP CZ3 HZ3  sing N N 295 
TRP CH2 HH2  sing N N 296 
TRP OXT HXT  sing N N 297 
VAL N   CA   sing N N 298 
VAL N   H    sing N N 299 
VAL N   H2   sing N N 300 
VAL CA  C    sing N N 301 
VAL CA  CB   sing N N 302 
VAL CA  HA   sing N N 303 
VAL C   O    doub N N 304 
VAL C   OXT  sing N N 305 
VAL CB  CG1  sing N N 306 
VAL CB  CG2  sing N N 307 
VAL CB  HB   sing N N 308 
VAL CG1 HG11 sing N N 309 
VAL CG1 HG12 sing N N 310 
VAL CG1 HG13 sing N N 311 
VAL CG2 HG21 sing N N 312 
VAL CG2 HG22 sing N N 313 
VAL CG2 HG23 sing N N 314 
VAL OXT HXT  sing N N 315 
# 
_pdbx_nmr_spectrometer.spectrometer_id   1 
_pdbx_nmr_spectrometer.type              ? 
_pdbx_nmr_spectrometer.manufacturer      Bruker 
_pdbx_nmr_spectrometer.model             AMX 
_pdbx_nmr_spectrometer.field_strength    600 
# 
_atom_sites.entry_id                    1Q3Z 
_atom_sites.fract_transf_matrix[1][1]   1.000000 
_atom_sites.fract_transf_matrix[1][2]   0.000000 
_atom_sites.fract_transf_matrix[1][3]   0.000000 
_atom_sites.fract_transf_matrix[2][1]   0.000000 
_atom_sites.fract_transf_matrix[2][2]   1.000000 
_atom_sites.fract_transf_matrix[2][3]   0.000000 
_atom_sites.fract_transf_matrix[3][1]   0.000000 
_atom_sites.fract_transf_matrix[3][2]   0.000000 
_atom_sites.fract_transf_matrix[3][3]   1.000000 
_atom_sites.fract_transf_vector[1]      0.00000 
_atom_sites.fract_transf_vector[2]      0.00000 
_atom_sites.fract_transf_vector[3]      0.00000 
# 
loop_
_atom_type.symbol 
C  
H  
N  
O  
S  
ZN 
# 
loop_
_atom_site.group_PDB 
_atom_site.id 
_atom_site.type_symbol 
_atom_site.label_atom_id 
_atom_site.label_alt_id 
_atom_site.label_comp_id 
_atom_site.label_asym_id 
_atom_site.label_entity_id 
_atom_site.label_seq_id 
_atom_site.pdbx_PDB_ins_code 
_atom_site.Cartn_x 
_atom_site.Cartn_y 
_atom_site.Cartn_z 
_atom_site.occupancy 
_atom_site.B_iso_or_equiv 
_atom_site.pdbx_formal_charge 
_atom_site.auth_seq_id 
_atom_site.auth_comp_id 
_atom_site.auth_asym_id 
_atom_site.auth_atom_id 
_atom_site.pdbx_PDB_model_num 
ATOM   1   N  N    . VAL A 1 2  ? 1.768   -15.116 10.439  1.00 0.00 ? 13 VAL A N    1 
ATOM   2   C  CA   . VAL A 1 2  ? 3.155   -14.613 10.218  1.00 0.00 ? 13 VAL A CA   1 
ATOM   3   C  C    . VAL A 1 2  ? 3.357   -14.252 8.744   1.00 0.00 ? 13 VAL A C    1 
ATOM   4   O  O    . VAL A 1 2  ? 3.636   -13.120 8.406   1.00 0.00 ? 13 VAL A O    1 
ATOM   5   C  CB   . VAL A 1 2  ? 4.068   -15.773 10.619  1.00 0.00 ? 13 VAL A CB   1 
ATOM   6   C  CG1  . VAL A 1 2  ? 5.466   -15.552 10.037  1.00 0.00 ? 13 VAL A CG1  1 
ATOM   7   C  CG2  . VAL A 1 2  ? 4.158   -15.845 12.145  1.00 0.00 ? 13 VAL A CG2  1 
ATOM   8   H  HA   . VAL A 1 2  ? 3.350   -13.759 10.846  1.00 0.00 ? 13 VAL A HA   1 
ATOM   9   H  HB   . VAL A 1 2  ? 3.662   -16.700 10.236  1.00 0.00 ? 13 VAL A HB   1 
ATOM   10  H  HG11 . VAL A 1 2  ? 5.623   -14.498 9.868   1.00 0.00 ? 13 VAL A HG11 1 
ATOM   11  H  HG12 . VAL A 1 2  ? 5.555   -16.084 9.101   1.00 0.00 ? 13 VAL A HG12 1 
ATOM   12  H  HG13 . VAL A 1 2  ? 6.207   -15.920 10.731  1.00 0.00 ? 13 VAL A HG13 1 
ATOM   13  H  HG21 . VAL A 1 2  ? 3.572   -16.680 12.501  1.00 0.00 ? 13 VAL A HG21 1 
ATOM   14  H  HG22 . VAL A 1 2  ? 3.777   -14.930 12.571  1.00 0.00 ? 13 VAL A HG22 1 
ATOM   15  H  HG23 . VAL A 1 2  ? 5.189   -15.979 12.439  1.00 0.00 ? 13 VAL A HG23 1 
ATOM   16  N  N    . LYS A 1 3  ? 3.216   -15.206 7.866   1.00 0.00 ? 14 LYS A N    1 
ATOM   17  C  CA   . LYS A 1 3  ? 3.399   -14.915 6.416   1.00 0.00 ? 14 LYS A CA   1 
ATOM   18  C  C    . LYS A 1 3  ? 2.152   -14.225 5.860   1.00 0.00 ? 14 LYS A C    1 
ATOM   19  O  O    . LYS A 1 3  ? 1.053   -14.732 5.961   1.00 0.00 ? 14 LYS A O    1 
ATOM   20  C  CB   . LYS A 1 3  ? 3.594   -16.283 5.763   1.00 0.00 ? 14 LYS A CB   1 
ATOM   21  C  CG   . LYS A 1 3  ? 3.792   -16.111 4.256   1.00 0.00 ? 14 LYS A CG   1 
ATOM   22  C  CD   . LYS A 1 3  ? 3.629   -17.464 3.562   1.00 0.00 ? 14 LYS A CD   1 
ATOM   23  C  CE   . LYS A 1 3  ? 2.167   -17.909 3.647   1.00 0.00 ? 14 LYS A CE   1 
ATOM   24  N  NZ   . LYS A 1 3  ? 1.982   -18.845 2.503   1.00 0.00 ? 14 LYS A NZ   1 
ATOM   25  H  H    . LYS A 1 3  ? 2.989   -16.113 8.159   1.00 0.00 ? 14 LYS A H    1 
ATOM   26  H  HA   . LYS A 1 3  ? 4.271   -14.304 6.261   1.00 0.00 ? 14 LYS A HA   1 
ATOM   27  H  HB2  . LYS A 1 3  ? 4.465   -16.763 6.188   1.00 0.00 ? 14 LYS A HB2  1 
ATOM   28  H  HB3  . LYS A 1 3  ? 2.723   -16.895 5.942   1.00 0.00 ? 14 LYS A HB3  1 
ATOM   29  H  HG2  . LYS A 1 3  ? 3.056   -15.418 3.873   1.00 0.00 ? 14 LYS A HG2  1 
ATOM   30  H  HG3  . LYS A 1 3  ? 4.782   -15.727 4.064   1.00 0.00 ? 14 LYS A HG3  1 
ATOM   31  H  HD2  . LYS A 1 3  ? 3.920   -17.374 2.527   1.00 0.00 ? 14 LYS A HD2  1 
ATOM   32  H  HD3  . LYS A 1 3  ? 4.254   -18.195 4.051   1.00 0.00 ? 14 LYS A HD3  1 
ATOM   33  H  HE2  . LYS A 1 3  ? 1.983   -18.415 4.584   1.00 0.00 ? 14 LYS A HE2  1 
ATOM   34  H  HE3  . LYS A 1 3  ? 1.508   -17.061 3.541   1.00 0.00 ? 14 LYS A HE3  1 
ATOM   35  H  HZ1  . LYS A 1 3  ? 1.419   -18.381 1.762   1.00 0.00 ? 14 LYS A HZ1  1 
ATOM   36  H  HZ2  . LYS A 1 3  ? 1.488   -19.700 2.831   1.00 0.00 ? 14 LYS A HZ2  1 
ATOM   37  H  HZ3  . LYS A 1 3  ? 2.911   -19.107 2.116   1.00 0.00 ? 14 LYS A HZ3  1 
ATOM   38  N  N    . CYS A 1 4  ? 2.314   -13.070 5.274   1.00 0.00 ? 15 CYS A N    1 
ATOM   39  C  CA   . CYS A 1 4  ? 1.134   -12.350 4.714   1.00 0.00 ? 15 CYS A CA   1 
ATOM   40  C  C    . CYS A 1 4  ? 0.726   -12.958 3.371   1.00 0.00 ? 15 CYS A C    1 
ATOM   41  O  O    . CYS A 1 4  ? 1.155   -12.513 2.324   1.00 0.00 ? 15 CYS A O    1 
ATOM   42  C  CB   . CYS A 1 4  ? 1.591   -10.901 4.530   1.00 0.00 ? 15 CYS A CB   1 
ATOM   43  S  SG   . CYS A 1 4  ? 3.074   -10.856 3.498   1.00 0.00 ? 15 CYS A SG   1 
ATOM   44  H  H    . CYS A 1 4  ? 3.208   -12.678 5.206   1.00 0.00 ? 15 CYS A H    1 
ATOM   45  H  HA   . CYS A 1 4  ? 0.310   -12.387 5.408   1.00 0.00 ? 15 CYS A HA   1 
ATOM   46  H  HB2  . CYS A 1 4  ? 0.806   -10.334 4.054   1.00 0.00 ? 15 CYS A HB2  1 
ATOM   47  H  HB3  . CYS A 1 4  ? 1.813   -10.469 5.492   1.00 0.00 ? 15 CYS A HB3  1 
ATOM   48  N  N    . PHE A 1 5  ? -0.105  -13.972 3.404   1.00 0.00 ? 16 PHE A N    1 
ATOM   49  C  CA   . PHE A 1 5  ? -0.573  -14.638 2.146   1.00 0.00 ? 16 PHE A CA   1 
ATOM   50  C  C    . PHE A 1 5  ? 0.529   -15.511 1.533   1.00 0.00 ? 16 PHE A C    1 
ATOM   51  O  O    . PHE A 1 5  ? 0.333   -16.687 1.302   1.00 0.00 ? 16 PHE A O    1 
ATOM   52  C  CB   . PHE A 1 5  ? -0.965  -13.505 1.192   1.00 0.00 ? 16 PHE A CB   1 
ATOM   53  C  CG   . PHE A 1 5  ? -2.069  -13.979 0.281   1.00 0.00 ? 16 PHE A CG   1 
ATOM   54  C  CD1  . PHE A 1 5  ? -3.356  -14.189 0.791   1.00 0.00 ? 16 PHE A CD1  1 
ATOM   55  C  CD2  . PHE A 1 5  ? -1.807  -14.208 -1.075  1.00 0.00 ? 16 PHE A CD2  1 
ATOM   56  C  CE1  . PHE A 1 5  ? -4.380  -14.629 -0.055  1.00 0.00 ? 16 PHE A CE1  1 
ATOM   57  C  CE2  . PHE A 1 5  ? -2.832  -14.649 -1.921  1.00 0.00 ? 16 PHE A CE2  1 
ATOM   58  C  CZ   . PHE A 1 5  ? -4.118  -14.859 -1.411  1.00 0.00 ? 16 PHE A CZ   1 
ATOM   59  H  H    . PHE A 1 5  ? -0.428  -14.298 4.268   1.00 0.00 ? 16 PHE A H    1 
ATOM   60  H  HA   . PHE A 1 5  ? -1.441  -15.243 2.357   1.00 0.00 ? 16 PHE A HA   1 
ATOM   61  H  HB2  . PHE A 1 5  ? -1.309  -12.654 1.764   1.00 0.00 ? 16 PHE A HB2  1 
ATOM   62  H  HB3  . PHE A 1 5  ? -0.107  -13.221 0.599   1.00 0.00 ? 16 PHE A HB3  1 
ATOM   63  H  HD1  . PHE A 1 5  ? -3.557  -14.011 1.836   1.00 0.00 ? 16 PHE A HD1  1 
ATOM   64  H  HD2  . PHE A 1 5  ? -0.815  -14.047 -1.468  1.00 0.00 ? 16 PHE A HD2  1 
ATOM   65  H  HE1  . PHE A 1 5  ? -5.372  -14.791 0.338   1.00 0.00 ? 16 PHE A HE1  1 
ATOM   66  H  HE2  . PHE A 1 5  ? -2.630  -14.826 -2.966  1.00 0.00 ? 16 PHE A HE2  1 
ATOM   67  H  HZ   . PHE A 1 5  ? -4.910  -15.199 -2.063  1.00 0.00 ? 16 PHE A HZ   1 
ATOM   68  N  N    . ASN A 1 6  ? 1.679   -14.956 1.257   1.00 0.00 ? 17 ASN A N    1 
ATOM   69  C  CA   . ASN A 1 6  ? 2.769   -15.779 0.647   1.00 0.00 ? 17 ASN A CA   1 
ATOM   70  C  C    . ASN A 1 6  ? 4.150   -15.150 0.880   1.00 0.00 ? 17 ASN A C    1 
ATOM   71  O  O    . ASN A 1 6  ? 5.115   -15.843 1.130   1.00 0.00 ? 17 ASN A O    1 
ATOM   72  C  CB   . ASN A 1 6  ? 2.447   -15.804 -0.847  1.00 0.00 ? 17 ASN A CB   1 
ATOM   73  C  CG   . ASN A 1 6  ? 1.951   -17.197 -1.240  1.00 0.00 ? 17 ASN A CG   1 
ATOM   74  O  OD1  . ASN A 1 6  ? 2.690   -18.159 -1.171  1.00 0.00 ? 17 ASN A OD1  1 
ATOM   75  N  ND2  . ASN A 1 6  ? 0.722   -17.347 -1.652  1.00 0.00 ? 17 ASN A ND2  1 
ATOM   76  H  H    . ASN A 1 6  ? 1.823   -14.005 1.439   1.00 0.00 ? 17 ASN A H    1 
ATOM   77  H  HA   . ASN A 1 6  ? 2.743   -16.781 1.040   1.00 0.00 ? 17 ASN A HA   1 
ATOM   78  H  HB2  . ASN A 1 6  ? 1.679   -15.075 -1.063  1.00 0.00 ? 17 ASN A HB2  1 
ATOM   79  H  HB3  . ASN A 1 6  ? 3.336   -15.568 -1.412  1.00 0.00 ? 17 ASN A HB3  1 
ATOM   80  H  HD21 . ASN A 1 6  ? 0.125   -16.572 -1.706  1.00 0.00 ? 17 ASN A HD21 1 
ATOM   81  H  HD22 . ASN A 1 6  ? 0.396   -18.235 -1.905  1.00 0.00 ? 17 ASN A HD22 1 
ATOM   82  N  N    . CYS A 1 7  ? 4.259   -13.851 0.780   1.00 0.00 ? 18 CYS A N    1 
ATOM   83  C  CA   . CYS A 1 7  ? 5.584   -13.187 0.976   1.00 0.00 ? 18 CYS A CA   1 
ATOM   84  C  C    . CYS A 1 7  ? 6.212   -13.582 2.319   1.00 0.00 ? 18 CYS A C    1 
ATOM   85  O  O    . CYS A 1 7  ? 7.216   -14.266 2.361   1.00 0.00 ? 18 CYS A O    1 
ATOM   86  C  CB   . CYS A 1 7  ? 5.284   -11.691 0.941   1.00 0.00 ? 18 CYS A CB   1 
ATOM   87  S  SG   . CYS A 1 7  ? 6.811   -10.755 1.206   1.00 0.00 ? 18 CYS A SG   1 
ATOM   88  H  H    . CYS A 1 7  ? 3.472   -13.309 0.560   1.00 0.00 ? 18 CYS A H    1 
ATOM   89  H  HA   . CYS A 1 7  ? 6.249   -13.443 0.166   1.00 0.00 ? 18 CYS A HA   1 
ATOM   90  H  HB2  . CYS A 1 7  ? 4.867   -11.432 -0.021  1.00 0.00 ? 18 CYS A HB2  1 
ATOM   91  H  HB3  . CYS A 1 7  ? 4.574   -11.449 1.716   1.00 0.00 ? 18 CYS A HB3  1 
ATOM   92  N  N    . GLY A 1 8  ? 5.643   -13.159 3.417   1.00 0.00 ? 19 GLY A N    1 
ATOM   93  C  CA   . GLY A 1 8  ? 6.234   -13.523 4.736   1.00 0.00 ? 19 GLY A CA   1 
ATOM   94  C  C    . GLY A 1 8  ? 6.103   -12.355 5.719   1.00 0.00 ? 19 GLY A C    1 
ATOM   95  O  O    . GLY A 1 8  ? 6.067   -12.552 6.917   1.00 0.00 ? 19 GLY A O    1 
ATOM   96  H  H    . GLY A 1 8  ? 4.835   -12.607 3.375   1.00 0.00 ? 19 GLY A H    1 
ATOM   97  H  HA2  . GLY A 1 8  ? 5.719   -14.386 5.132   1.00 0.00 ? 19 GLY A HA2  1 
ATOM   98  H  HA3  . GLY A 1 8  ? 7.279   -13.760 4.607   1.00 0.00 ? 19 GLY A HA3  1 
ATOM   99  N  N    . LYS A 1 9  ? 6.036   -11.141 5.231   1.00 0.00 ? 20 LYS A N    1 
ATOM   100 C  CA   . LYS A 1 9  ? 5.913   -9.975  6.156   1.00 0.00 ? 20 LYS A CA   1 
ATOM   101 C  C    . LYS A 1 9  ? 4.678   -10.139 7.048   1.00 0.00 ? 20 LYS A C    1 
ATOM   102 O  O    . LYS A 1 9  ? 3.657   -10.637 6.625   1.00 0.00 ? 20 LYS A O    1 
ATOM   103 C  CB   . LYS A 1 9  ? 5.771   -8.750  5.249   1.00 0.00 ? 20 LYS A CB   1 
ATOM   104 C  CG   . LYS A 1 9  ? 5.464   -7.518  6.104   1.00 0.00 ? 20 LYS A CG   1 
ATOM   105 C  CD   . LYS A 1 9  ? 5.917   -6.253  5.371   1.00 0.00 ? 20 LYS A CD   1 
ATOM   106 C  CE   . LYS A 1 9  ? 7.442   -6.254  5.241   1.00 0.00 ? 20 LYS A CE   1 
ATOM   107 N  NZ   . LYS A 1 9  ? 7.701   -6.207  3.776   1.00 0.00 ? 20 LYS A NZ   1 
ATOM   108 H  H    . LYS A 1 9  ? 6.072   -10.996 4.263   1.00 0.00 ? 20 LYS A H    1 
ATOM   109 H  HA   . LYS A 1 9  ? 6.801   -9.883  6.761   1.00 0.00 ? 20 LYS A HA   1 
ATOM   110 H  HB2  . LYS A 1 9  ? 6.694   -8.594  4.708   1.00 0.00 ? 20 LYS A HB2  1 
ATOM   111 H  HB3  . LYS A 1 9  ? 4.966   -8.907  4.546   1.00 0.00 ? 20 LYS A HB3  1 
ATOM   112 H  HG2  . LYS A 1 9  ? 4.400   -7.465  6.290   1.00 0.00 ? 20 LYS A HG2  1 
ATOM   113 H  HG3  . LYS A 1 9  ? 5.989   -7.594  7.045   1.00 0.00 ? 20 LYS A HG3  1 
ATOM   114 H  HD2  . LYS A 1 9  ? 5.471   -6.228  4.389   1.00 0.00 ? 20 LYS A HD2  1 
ATOM   115 H  HD3  . LYS A 1 9  ? 5.607   -5.384  5.930   1.00 0.00 ? 20 LYS A HD3  1 
ATOM   116 H  HE2  . LYS A 1 9  ? 7.860   -5.384  5.728   1.00 0.00 ? 20 LYS A HE2  1 
ATOM   117 H  HE3  . LYS A 1 9  ? 7.856   -7.157  5.662   1.00 0.00 ? 20 LYS A HE3  1 
ATOM   118 H  HZ1  . LYS A 1 9  ? 7.198   -5.399  3.359   1.00 0.00 ? 20 LYS A HZ1  1 
ATOM   119 H  HZ2  . LYS A 1 9  ? 7.365   -7.089  3.336   1.00 0.00 ? 20 LYS A HZ2  1 
ATOM   120 H  HZ3  . LYS A 1 9  ? 8.721   -6.102  3.606   1.00 0.00 ? 20 LYS A HZ3  1 
ATOM   121 N  N    . GLU A 1 10 ? 4.768   -9.735  8.285   1.00 0.00 ? 21 GLU A N    1 
ATOM   122 C  CA   . GLU A 1 10 ? 3.604   -9.880  9.207   1.00 0.00 ? 21 GLU A CA   1 
ATOM   123 C  C    . GLU A 1 10 ? 2.641   -8.697  9.061   1.00 0.00 ? 21 GLU A C    1 
ATOM   124 O  O    . GLU A 1 10 ? 1.454   -8.823  9.286   1.00 0.00 ? 21 GLU A O    1 
ATOM   125 C  CB   . GLU A 1 10 ? 4.211   -9.905  10.609  1.00 0.00 ? 21 GLU A CB   1 
ATOM   126 C  CG   . GLU A 1 10 ? 4.052   -11.303 11.209  1.00 0.00 ? 21 GLU A CG   1 
ATOM   127 C  CD   . GLU A 1 10 ? 5.344   -12.097 11.009  1.00 0.00 ? 21 GLU A CD   1 
ATOM   128 O  OE1  . GLU A 1 10 ? 5.930   -11.983 9.944   1.00 0.00 ? 21 GLU A OE1  1 
ATOM   129 O  OE2  . GLU A 1 10 ? 5.726   -12.810 11.922  1.00 0.00 ? 21 GLU A OE2  1 
ATOM   130 H  H    . GLU A 1 10 ? 5.605   -9.344  8.611   1.00 0.00 ? 21 GLU A H    1 
ATOM   131 H  HA   . GLU A 1 10 ? 3.088   -10.808 9.016   1.00 0.00 ? 21 GLU A HA   1 
ATOM   132 H  HB2  . GLU A 1 10 ? 5.260   -9.652  10.553  1.00 0.00 ? 21 GLU A HB2  1 
ATOM   133 H  HB3  . GLU A 1 10 ? 3.700   -9.188  11.235  1.00 0.00 ? 21 GLU A HB3  1 
ATOM   134 H  HG2  . GLU A 1 10 ? 3.841   -11.219 12.266  1.00 0.00 ? 21 GLU A HG2  1 
ATOM   135 H  HG3  . GLU A 1 10 ? 3.238   -11.814 10.719  1.00 0.00 ? 21 GLU A HG3  1 
ATOM   136 N  N    . GLY A 1 11 ? 3.138   -7.550  8.685   1.00 0.00 ? 22 GLY A N    1 
ATOM   137 C  CA   . GLY A 1 11 ? 2.246   -6.367  8.529   1.00 0.00 ? 22 GLY A CA   1 
ATOM   138 C  C    . GLY A 1 11 ? 1.998   -6.106  7.044   1.00 0.00 ? 22 GLY A C    1 
ATOM   139 O  O    . GLY A 1 11 ? 2.032   -4.980  6.588   1.00 0.00 ? 22 GLY A O    1 
ATOM   140 H  H    . GLY A 1 11 ? 4.095   -7.464  8.505   1.00 0.00 ? 22 GLY A H    1 
ATOM   141 H  HA2  . GLY A 1 11 ? 1.305   -6.557  9.025   1.00 0.00 ? 22 GLY A HA2  1 
ATOM   142 H  HA3  . GLY A 1 11 ? 2.716   -5.500  8.969   1.00 0.00 ? 22 GLY A HA3  1 
ATOM   143 N  N    . HIS A 1 12 ? 1.747   -7.137  6.286   1.00 0.00 ? 23 HIS A N    1 
ATOM   144 C  CA   . HIS A 1 12 ? 1.496   -6.944  4.829   1.00 0.00 ? 23 HIS A CA   1 
ATOM   145 C  C    . HIS A 1 12 ? 0.100   -7.443  4.456   1.00 0.00 ? 23 HIS A C    1 
ATOM   146 O  O    . HIS A 1 12 ? -0.142  -7.786  3.321   1.00 0.00 ? 23 HIS A O    1 
ATOM   147 C  CB   . HIS A 1 12 ? 2.553   -7.793  4.129   1.00 0.00 ? 23 HIS A CB   1 
ATOM   148 C  CG   . HIS A 1 12 ? 3.334   -6.944  3.167   1.00 0.00 ? 23 HIS A CG   1 
ATOM   149 N  ND1  . HIS A 1 12 ? 4.489   -7.412  2.533   1.00 0.00 ? 23 HIS A ND1  1 
ATOM   150 C  CD2  . HIS A 1 12 ? 3.162   -5.651  2.730   1.00 0.00 ? 23 HIS A CD2  1 
ATOM   151 C  CE1  . HIS A 1 12 ? 4.965   -6.417  1.762   1.00 0.00 ? 23 HIS A CE1  1 
ATOM   152 N  NE2  . HIS A 1 12 ? 4.190   -5.347  1.862   1.00 0.00 ? 23 HIS A NE2  1 
ATOM   153 H  H    . HIS A 1 12 ? 1.722   -8.040  6.672   1.00 0.00 ? 23 HIS A H    1 
ATOM   154 H  HA   . HIS A 1 12 ? 1.613   -5.908  4.557   1.00 0.00 ? 23 HIS A HA   1 
ATOM   155 H  HB2  . HIS A 1 12 ? 3.223   -8.211  4.866   1.00 0.00 ? 23 HIS A HB2  1 
ATOM   156 H  HB3  . HIS A 1 12 ? 2.070   -8.593  3.589   1.00 0.00 ? 23 HIS A HB3  1 
ATOM   157 H  HD2  . HIS A 1 12 ? 2.346   -4.999  2.999   1.00 0.00 ? 23 HIS A HD2  1 
ATOM   158 H  HE1  . HIS A 1 12 ? 5.857   -6.481  1.161   1.00 0.00 ? 23 HIS A HE1  1 
ATOM   159 H  HE2  . HIS A 1 12 ? 4.323   -4.495  1.398   1.00 0.00 ? 23 HIS A HE2  1 
ATOM   160 N  N    . THR A 1 13 ? -0.806  -7.493  5.407   1.00 0.00 ? 24 THR A N    1 
ATOM   161 C  CA   . THR A 1 13 ? -2.196  -7.982  5.132   1.00 0.00 ? 24 THR A CA   1 
ATOM   162 C  C    . THR A 1 13 ? -2.157  -9.347  4.427   1.00 0.00 ? 24 THR A C    1 
ATOM   163 O  O    . THR A 1 13 ? -1.942  -9.452  3.236   1.00 0.00 ? 24 THR A O    1 
ATOM   164 C  CB   . THR A 1 13 ? -2.867  -6.899  4.267   1.00 0.00 ? 24 THR A CB   1 
ATOM   165 O  OG1  . THR A 1 13 ? -2.528  -7.069  2.898   1.00 0.00 ? 24 THR A OG1  1 
ATOM   166 C  CG2  . THR A 1 13 ? -2.412  -5.517  4.736   1.00 0.00 ? 24 THR A CG2  1 
ATOM   167 H  H    . THR A 1 13 ? -0.569  -7.211  6.314   1.00 0.00 ? 24 THR A H    1 
ATOM   168 H  HA   . THR A 1 13 ? -2.732  -8.076  6.064   1.00 0.00 ? 24 THR A HA   1 
ATOM   169 H  HB   . THR A 1 13 ? -3.937  -6.970  4.377   1.00 0.00 ? 24 THR A HB   1 
ATOM   170 H  HG1  . THR A 1 13 ? -3.320  -7.336  2.427   1.00 0.00 ? 24 THR A HG1  1 
ATOM   171 H  HG21 . THR A 1 13 ? -3.047  -4.761  4.298   1.00 0.00 ? 24 THR A HG21 1 
ATOM   172 H  HG22 . THR A 1 13 ? -1.390  -5.350  4.430   1.00 0.00 ? 24 THR A HG22 1 
ATOM   173 H  HG23 . THR A 1 13 ? -2.479  -5.463  5.813   1.00 0.00 ? 24 THR A HG23 1 
ATOM   174 N  N    . ALA A 1 14 ? -2.356  -10.404 5.165   1.00 0.00 ? 25 ALA A N    1 
ATOM   175 C  CA   . ALA A 1 14 ? -2.320  -11.764 4.551   1.00 0.00 ? 25 ALA A CA   1 
ATOM   176 C  C    . ALA A 1 14 ? -3.593  -12.027 3.738   1.00 0.00 ? 25 ALA A C    1 
ATOM   177 O  O    . ALA A 1 14 ? -4.326  -12.960 3.995   1.00 0.00 ? 25 ALA A O    1 
ATOM   178 C  CB   . ALA A 1 14 ? -2.224  -12.721 5.738   1.00 0.00 ? 25 ALA A CB   1 
ATOM   179 H  H    . ALA A 1 14 ? -2.521  -10.305 6.127   1.00 0.00 ? 25 ALA A H    1 
ATOM   180 H  HA   . ALA A 1 14 ? -1.448  -11.868 3.926   1.00 0.00 ? 25 ALA A HA   1 
ATOM   181 H  HB1  . ALA A 1 14 ? -1.436  -12.390 6.401   1.00 0.00 ? 25 ALA A HB1  1 
ATOM   182 H  HB2  . ALA A 1 14 ? -2.000  -13.715 5.380   1.00 0.00 ? 25 ALA A HB2  1 
ATOM   183 H  HB3  . ALA A 1 14 ? -3.162  -12.732 6.269   1.00 0.00 ? 25 ALA A HB3  1 
ATOM   184 N  N    . ARG A 1 15 ? -3.846  -11.210 2.751   1.00 0.00 ? 26 ARG A N    1 
ATOM   185 C  CA   . ARG A 1 15 ? -5.053  -11.386 1.897   1.00 0.00 ? 26 ARG A CA   1 
ATOM   186 C  C    . ARG A 1 15 ? -4.760  -10.840 0.497   1.00 0.00 ? 26 ARG A C    1 
ATOM   187 O  O    . ARG A 1 15 ? -4.936  -11.515 -0.497  1.00 0.00 ? 26 ARG A O    1 
ATOM   188 C  CB   . ARG A 1 15 ? -6.146  -10.557 2.572   1.00 0.00 ? 26 ARG A CB   1 
ATOM   189 C  CG   . ARG A 1 15 ? -6.821  -11.384 3.667   1.00 0.00 ? 26 ARG A CG   1 
ATOM   190 C  CD   . ARG A 1 15 ? -6.448  -10.820 5.040   1.00 0.00 ? 26 ARG A CD   1 
ATOM   191 N  NE   . ARG A 1 15 ? -7.104  -9.483  5.097   1.00 0.00 ? 26 ARG A NE   1 
ATOM   192 C  CZ   . ARG A 1 15 ? -6.377  -8.401  5.152   1.00 0.00 ? 26 ARG A CZ   1 
ATOM   193 N  NH1  . ARG A 1 15 ? -5.544  -8.223  6.141   1.00 0.00 ? 26 ARG A NH1  1 
ATOM   194 N  NH2  . ARG A 1 15 ? -6.482  -7.498  4.217   1.00 0.00 ? 26 ARG A NH2  1 
ATOM   195 H  H    . ARG A 1 15 ? -3.230  -10.475 2.565   1.00 0.00 ? 26 ARG A H    1 
ATOM   196 H  HA   . ARG A 1 15 ? -5.344  -12.424 1.850   1.00 0.00 ? 26 ARG A HA   1 
ATOM   197 H  HB2  . ARG A 1 15 ? -5.706  -9.672  3.009   1.00 0.00 ? 26 ARG A HB2  1 
ATOM   198 H  HB3  . ARG A 1 15 ? -6.883  -10.267 1.838   1.00 0.00 ? 26 ARG A HB3  1 
ATOM   199 H  HG2  . ARG A 1 15 ? -7.894  -11.343 3.538   1.00 0.00 ? 26 ARG A HG2  1 
ATOM   200 H  HG3  . ARG A 1 15 ? -6.490  -12.409 3.598   1.00 0.00 ? 26 ARG A HG3  1 
ATOM   201 H  HD2  . ARG A 1 15 ? -6.826  -11.461 5.823   1.00 0.00 ? 26 ARG A HD2  1 
ATOM   202 H  HD3  . ARG A 1 15 ? -5.379  -10.710 5.123   1.00 0.00 ? 26 ARG A HD3  1 
ATOM   203 H  HE   . ARG A 1 15 ? -8.081  -9.417  5.094   1.00 0.00 ? 26 ARG A HE   1 
ATOM   204 H  HH11 . ARG A 1 15 ? -5.462  -8.917  6.858   1.00 0.00 ? 26 ARG A HH11 1 
ATOM   205 H  HH12 . ARG A 1 15 ? -4.988  -7.394  6.184   1.00 0.00 ? 26 ARG A HH12 1 
ATOM   206 H  HH21 . ARG A 1 15 ? -7.120  -7.635  3.459   1.00 0.00 ? 26 ARG A HH21 1 
ATOM   207 H  HH22 . ARG A 1 15 ? -5.927  -6.667  4.258   1.00 0.00 ? 26 ARG A HH22 1 
ATOM   208 N  N    . ASN A 1 16 ? -4.306  -9.616  0.421   1.00 0.00 ? 27 ASN A N    1 
ATOM   209 C  CA   . ASN A 1 16 ? -3.987  -9.010  -0.905  1.00 0.00 ? 27 ASN A CA   1 
ATOM   210 C  C    . ASN A 1 16 ? -2.574  -8.406  -0.901  1.00 0.00 ? 27 ASN A C    1 
ATOM   211 O  O    . ASN A 1 16 ? -2.162  -7.788  -1.863  1.00 0.00 ? 27 ASN A O    1 
ATOM   212 C  CB   . ASN A 1 16 ? -5.033  -7.910  -1.107  1.00 0.00 ? 27 ASN A CB   1 
ATOM   213 C  CG   . ASN A 1 16 ? -6.050  -7.939  0.036   1.00 0.00 ? 27 ASN A CG   1 
ATOM   214 O  OD1  . ASN A 1 16 ? -5.858  -7.300  1.053   1.00 0.00 ? 27 ASN A OD1  1 
ATOM   215 N  ND2  . ASN A 1 16 ? -7.133  -8.657  -0.089  1.00 0.00 ? 27 ASN A ND2  1 
ATOM   216 H  H    . ASN A 1 16 ? -4.170  -9.096  1.240   1.00 0.00 ? 27 ASN A H    1 
ATOM   217 H  HA   . ASN A 1 16 ? -4.078  -9.747  -1.686  1.00 0.00 ? 27 ASN A HA   1 
ATOM   218 H  HB2  . ASN A 1 16 ? -4.541  -6.948  -1.125  1.00 0.00 ? 27 ASN A HB2  1 
ATOM   219 H  HB3  . ASN A 1 16 ? -5.544  -8.068  -2.044  1.00 0.00 ? 27 ASN A HB3  1 
ATOM   220 H  HD21 . ASN A 1 16 ? -7.289  -9.170  -0.910  1.00 0.00 ? 27 ASN A HD21 1 
ATOM   221 H  HD22 . ASN A 1 16 ? -7.790  -8.683  0.638   1.00 0.00 ? 27 ASN A HD22 1 
ATOM   222 N  N    . HIS A 1 17 ? -1.830  -8.578  0.167   1.00 0.00 ? 28 HIS A N    1 
ATOM   223 C  CA   . HIS A 1 17 ? -0.447  -8.012  0.228   1.00 0.00 ? 28 HIS A CA   1 
ATOM   224 C  C    . HIS A 1 17 ? -0.459  -6.518  -0.107  1.00 0.00 ? 28 HIS A C    1 
ATOM   225 O  O    . HIS A 1 17 ? 0.103   -6.091  -1.095  1.00 0.00 ? 28 HIS A O    1 
ATOM   226 C  CB   . HIS A 1 17 ? 0.352   -8.786  -0.819  1.00 0.00 ? 28 HIS A CB   1 
ATOM   227 C  CG   . HIS A 1 17 ? 1.761   -8.974  -0.331  1.00 0.00 ? 28 HIS A CG   1 
ATOM   228 N  ND1  . HIS A 1 17 ? 2.849   -8.954  -1.189  1.00 0.00 ? 28 HIS A ND1  1 
ATOM   229 C  CD2  . HIS A 1 17 ? 2.276   -9.176  0.923   1.00 0.00 ? 28 HIS A CD2  1 
ATOM   230 C  CE1  . HIS A 1 17 ? 3.954   -9.138  -0.445  1.00 0.00 ? 28 HIS A CE1  1 
ATOM   231 N  NE2  . HIS A 1 17 ? 3.662   -9.279  0.850   1.00 0.00 ? 28 HIS A NE2  1 
ATOM   232 H  H    . HIS A 1 17 ? -2.179  -9.079  0.932   1.00 0.00 ? 28 HIS A H    1 
ATOM   233 H  HA   . HIS A 1 17 ? -0.021  -8.173  1.204   1.00 0.00 ? 28 HIS A HA   1 
ATOM   234 H  HB2  . HIS A 1 17 ? -0.105  -9.751  -0.984  1.00 0.00 ? 28 HIS A HB2  1 
ATOM   235 H  HB3  . HIS A 1 17 ? 0.366   -8.229  -1.742  1.00 0.00 ? 28 HIS A HB3  1 
ATOM   236 H  HD1  . HIS A 1 17 ? 2.818   -8.828  -2.161  1.00 0.00 ? 28 HIS A HD1  1 
ATOM   237 H  HD2  . HIS A 1 17 ? 1.694   -9.243  1.830   1.00 0.00 ? 28 HIS A HD2  1 
ATOM   238 H  HE1  . HIS A 1 17 ? 4.957   -9.167  -0.847  1.00 0.00 ? 28 HIS A HE1  1 
ATOM   239 N  N    . ARG A 1 18 ? -1.096  -5.720  0.704   1.00 0.00 ? 29 ARG A N    1 
ATOM   240 C  CA   . ARG A 1 18 ? -1.141  -4.260  0.418   1.00 0.00 ? 29 ARG A CA   1 
ATOM   241 C  C    . ARG A 1 18 ? -1.044  -3.453  1.717   1.00 0.00 ? 29 ARG A C    1 
ATOM   242 O  O    . ARG A 1 18 ? -0.607  -3.952  2.735   1.00 0.00 ? 29 ARG A O    1 
ATOM   243 C  CB   . ARG A 1 18 ? -2.492  -4.040  -0.262  1.00 0.00 ? 29 ARG A CB   1 
ATOM   244 C  CG   . ARG A 1 18 ? -2.270  -3.771  -1.751  1.00 0.00 ? 29 ARG A CG   1 
ATOM   245 C  CD   . ARG A 1 18 ? -2.326  -2.264  -2.012  1.00 0.00 ? 29 ARG A CD   1 
ATOM   246 N  NE   . ARG A 1 18 ? -0.946  -1.773  -1.741  1.00 0.00 ? 29 ARG A NE   1 
ATOM   247 C  CZ   . ARG A 1 18 ? -0.687  -0.493  -1.783  1.00 0.00 ? 29 ARG A CZ   1 
ATOM   248 N  NH1  . ARG A 1 18 ? -1.409  0.343   -1.087  1.00 0.00 ? 29 ARG A NH1  1 
ATOM   249 N  NH2  . ARG A 1 18 ? 0.295   -0.050  -2.520  1.00 0.00 ? 29 ARG A NH2  1 
ATOM   250 H  H    . ARG A 1 18 ? -1.547  -6.080  1.496   1.00 0.00 ? 29 ARG A H    1 
ATOM   251 H  HA   . ARG A 1 18 ? -0.343  -3.985  -0.253  1.00 0.00 ? 29 ARG A HA   1 
ATOM   252 H  HB2  . ARG A 1 18 ? -3.103  -4.923  -0.142  1.00 0.00 ? 29 ARG A HB2  1 
ATOM   253 H  HB3  . ARG A 1 18 ? -2.990  -3.194  0.185   1.00 0.00 ? 29 ARG A HB3  1 
ATOM   254 H  HG2  . ARG A 1 18 ? -1.303  -4.154  -2.044  1.00 0.00 ? 29 ARG A HG2  1 
ATOM   255 H  HG3  . ARG A 1 18 ? -3.042  -4.263  -2.324  1.00 0.00 ? 29 ARG A HG3  1 
ATOM   256 H  HD2  . ARG A 1 18 ? -2.600  -2.074  -3.041  1.00 0.00 ? 29 ARG A HD2  1 
ATOM   257 H  HD3  . ARG A 1 18 ? -3.025  -1.791  -1.341  1.00 0.00 ? 29 ARG A HD3  1 
ATOM   258 H  HE   . ARG A 1 18 ? -0.231  -2.409  -1.531  1.00 0.00 ? 29 ARG A HE   1 
ATOM   259 H  HH11 . ARG A 1 18 ? -2.159  0.004   -0.520  1.00 0.00 ? 29 ARG A HH11 1 
ATOM   260 H  HH12 . ARG A 1 18 ? -1.210  1.322   -1.121  1.00 0.00 ? 29 ARG A HH12 1 
ATOM   261 H  HH21 . ARG A 1 18 ? 0.849   -0.691  -3.051  1.00 0.00 ? 29 ARG A HH21 1 
ATOM   262 H  HH22 . ARG A 1 18 ? 0.492   0.929   -2.554  1.00 0.00 ? 29 ARG A HH22 1 
ATOM   263 N  N    . ALA A 1 19 ? -1.444  -2.207  1.679   1.00 0.00 ? 30 ALA A N    1 
ATOM   264 C  CA   . ALA A 1 19 ? -1.377  -1.346  2.899   1.00 0.00 ? 30 ALA A CA   1 
ATOM   265 C  C    . ALA A 1 19 ? 0.057   -1.282  3.442   1.00 0.00 ? 30 ALA A C    1 
ATOM   266 O  O    . ALA A 1 19 ? 0.299   -1.612  4.585   1.00 0.00 ? 30 ALA A O    1 
ATOM   267 C  CB   . ALA A 1 19 ? -2.308  -2.014  3.911   1.00 0.00 ? 30 ALA A CB   1 
ATOM   268 H  H    . ALA A 1 19 ? -1.784  -1.831  0.841   1.00 0.00 ? 30 ALA A H    1 
ATOM   269 H  HA   . ALA A 1 19 ? -1.734  -0.353  2.674   1.00 0.00 ? 30 ALA A HA   1 
ATOM   270 H  HB1  . ALA A 1 19 ? -1.759  -2.753  4.476   1.00 0.00 ? 30 ALA A HB1  1 
ATOM   271 H  HB2  . ALA A 1 19 ? -3.123  -2.494  3.389   1.00 0.00 ? 30 ALA A HB2  1 
ATOM   272 H  HB3  . ALA A 1 19 ? -2.703  -1.268  4.584   1.00 0.00 ? 30 ALA A HB3  1 
ATOM   273 N  N    . PRO A 1 20 ? 0.961   -0.854  2.599   1.00 0.00 ? 31 PRO A N    1 
ATOM   274 C  CA   . PRO A 1 20 ? 2.382   -0.744  3.006   1.00 0.00 ? 31 PRO A CA   1 
ATOM   275 C  C    . PRO A 1 20 ? 2.593   0.485   3.898   1.00 0.00 ? 31 PRO A C    1 
ATOM   276 O  O    . PRO A 1 20 ? 3.264   0.419   4.908   1.00 0.00 ? 31 PRO A O    1 
ATOM   277 C  CB   . PRO A 1 20 ? 3.122   -0.587  1.682   1.00 0.00 ? 31 PRO A CB   1 
ATOM   278 C  CG   . PRO A 1 20 ? 2.118   -0.013  0.732   1.00 0.00 ? 31 PRO A CG   1 
ATOM   279 C  CD   . PRO A 1 20 ? 0.751   -0.440  1.207   1.00 0.00 ? 31 PRO A CD   1 
ATOM   280 H  HA   . PRO A 1 20 ? 2.707   -1.640  3.507   1.00 0.00 ? 31 PRO A HA   1 
ATOM   281 H  HB2  . PRO A 1 20 ? 3.960   0.088   1.800   1.00 0.00 ? 31 PRO A HB2  1 
ATOM   282 H  HB3  . PRO A 1 20 ? 3.460   -1.547  1.325   1.00 0.00 ? 31 PRO A HB3  1 
ATOM   283 H  HG2  . PRO A 1 20 ? 2.188   1.066   0.732   1.00 0.00 ? 31 PRO A HG2  1 
ATOM   284 H  HG3  . PRO A 1 20 ? 2.291   -0.394  -0.262  1.00 0.00 ? 31 PRO A HG3  1 
ATOM   285 H  HD2  . PRO A 1 20 ? 0.059   0.389   1.156   1.00 0.00 ? 31 PRO A HD2  1 
ATOM   286 H  HD3  . PRO A 1 20 ? 0.392   -1.273  0.622   1.00 0.00 ? 31 PRO A HD3  1 
ATOM   287 N  N    . ARG A 1 21 ? 2.026   1.605   3.534   1.00 0.00 ? 32 ARG A N    1 
ATOM   288 C  CA   . ARG A 1 21 ? 2.199   2.831   4.363   1.00 0.00 ? 32 ARG A CA   1 
ATOM   289 C  C    . ARG A 1 21 ? 1.112   3.856   4.024   1.00 0.00 ? 32 ARG A C    1 
ATOM   290 O  O    . ARG A 1 21 ? 0.974   4.270   2.890   1.00 0.00 ? 32 ARG A O    1 
ATOM   291 C  CB   . ARG A 1 21 ? 3.579   3.371   3.987   1.00 0.00 ? 32 ARG A CB   1 
ATOM   292 C  CG   . ARG A 1 21 ? 4.443   3.484   5.244   1.00 0.00 ? 32 ARG A CG   1 
ATOM   293 C  CD   . ARG A 1 21 ? 4.367   4.911   5.790   1.00 0.00 ? 32 ARG A CD   1 
ATOM   294 N  NE   . ARG A 1 21 ? 3.890   4.763   7.193   1.00 0.00 ? 32 ARG A NE   1 
ATOM   295 C  CZ   . ARG A 1 21 ? 2.613   4.809   7.457   1.00 0.00 ? 32 ARG A CZ   1 
ATOM   296 N  NH1  . ARG A 1 21 ? 1.926   5.882   7.174   1.00 0.00 ? 32 ARG A NH1  1 
ATOM   297 N  NH2  . ARG A 1 21 ? 2.022   3.780   8.003   1.00 0.00 ? 32 ARG A NH2  1 
ATOM   298 H  H    . ARG A 1 21 ? 1.489   1.640   2.716   1.00 0.00 ? 32 ARG A H    1 
ATOM   299 H  HA   . ARG A 1 21 ? 2.173   2.585   5.412   1.00 0.00 ? 32 ARG A HA   1 
ATOM   300 H  HB2  . ARG A 1 21 ? 4.050   2.698   3.285   1.00 0.00 ? 32 ARG A HB2  1 
ATOM   301 H  HB3  . ARG A 1 21 ? 3.474   4.347   3.536   1.00 0.00 ? 32 ARG A HB3  1 
ATOM   302 H  HG2  . ARG A 1 21 ? 4.081   2.792   5.992   1.00 0.00 ? 32 ARG A HG2  1 
ATOM   303 H  HG3  . ARG A 1 21 ? 5.467   3.247   5.000   1.00 0.00 ? 32 ARG A HG3  1 
ATOM   304 H  HD2  . ARG A 1 21 ? 5.344   5.372   5.770   1.00 0.00 ? 32 ARG A HD2  1 
ATOM   305 H  HD3  . ARG A 1 21 ? 3.661   5.495   5.220   1.00 0.00 ? 32 ARG A HD3  1 
ATOM   306 H  HE   . ARG A 1 21 ? 4.535   4.629   7.918   1.00 0.00 ? 32 ARG A HE   1 
ATOM   307 H  HH11 . ARG A 1 21 ? 2.378   6.670   6.756   1.00 0.00 ? 32 ARG A HH11 1 
ATOM   308 H  HH12 . ARG A 1 21 ? 0.946   5.917   7.376   1.00 0.00 ? 32 ARG A HH12 1 
ATOM   309 H  HH21 . ARG A 1 21 ? 2.549   2.959   8.218   1.00 0.00 ? 32 ARG A HH21 1 
ATOM   310 H  HH22 . ARG A 1 21 ? 1.044   3.815   8.204   1.00 0.00 ? 32 ARG A HH22 1 
ATOM   311 N  N    . LYS A 1 22 ? 0.348   4.262   5.009   1.00 0.00 ? 33 LYS A N    1 
ATOM   312 C  CA   . LYS A 1 22 ? -0.742  5.262   4.777   1.00 0.00 ? 33 LYS A CA   1 
ATOM   313 C  C    . LYS A 1 22 ? -1.862  4.659   3.923   1.00 0.00 ? 33 LYS A C    1 
ATOM   314 O  O    . LYS A 1 22 ? -1.673  3.688   3.218   1.00 0.00 ? 33 LYS A O    1 
ATOM   315 C  CB   . LYS A 1 22 ? -0.076  6.435   4.052   1.00 0.00 ? 33 LYS A CB   1 
ATOM   316 C  CG   . LYS A 1 22 ? -0.630  7.754   4.594   1.00 0.00 ? 33 LYS A CG   1 
ATOM   317 C  CD   . LYS A 1 22 ? -1.408  8.474   3.492   1.00 0.00 ? 33 LYS A CD   1 
ATOM   318 C  CE   . LYS A 1 22 ? -0.717  9.799   3.160   1.00 0.00 ? 33 LYS A CE   1 
ATOM   319 N  NZ   . LYS A 1 22 ? -1.461  10.335  1.986   1.00 0.00 ? 33 LYS A NZ   1 
ATOM   320 H  H    . LYS A 1 22 ? 0.490   3.905   5.908   1.00 0.00 ? 33 LYS A H    1 
ATOM   321 H  HA   . LYS A 1 22 ? -1.138  5.599   5.721   1.00 0.00 ? 33 LYS A HA   1 
ATOM   322 H  HB2  . LYS A 1 22 ? 0.992   6.399   4.214   1.00 0.00 ? 33 LYS A HB2  1 
ATOM   323 H  HB3  . LYS A 1 22 ? -0.282  6.369   2.994   1.00 0.00 ? 33 LYS A HB3  1 
ATOM   324 H  HG2  . LYS A 1 22 ? -1.288  7.551   5.428   1.00 0.00 ? 33 LYS A HG2  1 
ATOM   325 H  HG3  . LYS A 1 22 ? 0.187   8.379   4.924   1.00 0.00 ? 33 LYS A HG3  1 
ATOM   326 H  HD2  . LYS A 1 22 ? -1.440  7.852   2.610   1.00 0.00 ? 33 LYS A HD2  1 
ATOM   327 H  HD3  . LYS A 1 22 ? -2.414  8.670   3.832   1.00 0.00 ? 33 LYS A HD3  1 
ATOM   328 H  HE2  . LYS A 1 22 ? -0.791  10.480  3.998   1.00 0.00 ? 33 LYS A HE2  1 
ATOM   329 H  HE3  . LYS A 1 22 ? 0.315   9.632   2.899   1.00 0.00 ? 33 LYS A HE3  1 
ATOM   330 H  HZ1  . LYS A 1 22 ? -0.787  10.603  1.242   1.00 0.00 ? 33 LYS A HZ1  1 
ATOM   331 H  HZ2  . LYS A 1 22 ? -2.009  11.169  2.277   1.00 0.00 ? 33 LYS A HZ2  1 
ATOM   332 H  HZ3  . LYS A 1 22 ? -2.104  9.606   1.620   1.00 0.00 ? 33 LYS A HZ3  1 
ATOM   333 N  N    . LYS A 1 23 ? -3.035  5.228   3.988   1.00 0.00 ? 34 LYS A N    1 
ATOM   334 C  CA   . LYS A 1 23 ? -4.175  4.692   3.188   1.00 0.00 ? 34 LYS A CA   1 
ATOM   335 C  C    . LYS A 1 23 ? -4.320  5.464   1.873   1.00 0.00 ? 34 LYS A C    1 
ATOM   336 O  O    . LYS A 1 23 ? -4.755  4.926   0.874   1.00 0.00 ? 34 LYS A O    1 
ATOM   337 C  CB   . LYS A 1 23 ? -5.408  4.899   4.067   1.00 0.00 ? 34 LYS A CB   1 
ATOM   338 C  CG   . LYS A 1 23 ? -6.078  3.550   4.336   1.00 0.00 ? 34 LYS A CG   1 
ATOM   339 C  CD   . LYS A 1 23 ? -6.649  2.991   3.032   1.00 0.00 ? 34 LYS A CD   1 
ATOM   340 C  CE   . LYS A 1 23 ? -8.174  3.122   3.043   1.00 0.00 ? 34 LYS A CE   1 
ATOM   341 N  NZ   . LYS A 1 23 ? -8.448  4.488   2.518   1.00 0.00 ? 34 LYS A NZ   1 
ATOM   342 H  H    . LYS A 1 23 ? -3.169  6.008   4.566   1.00 0.00 ? 34 LYS A H    1 
ATOM   343 H  HA   . LYS A 1 23 ? -4.036  3.640   2.993   1.00 0.00 ? 34 LYS A HA   1 
ATOM   344 H  HB2  . LYS A 1 23 ? -5.110  5.347   5.004   1.00 0.00 ? 34 LYS A HB2  1 
ATOM   345 H  HB3  . LYS A 1 23 ? -6.105  5.550   3.562   1.00 0.00 ? 34 LYS A HB3  1 
ATOM   346 H  HG2  . LYS A 1 23 ? -5.348  2.860   4.736   1.00 0.00 ? 34 LYS A HG2  1 
ATOM   347 H  HG3  . LYS A 1 23 ? -6.878  3.681   5.050   1.00 0.00 ? 34 LYS A HG3  1 
ATOM   348 H  HD2  . LYS A 1 23 ? -6.245  3.544   2.196   1.00 0.00 ? 34 LYS A HD2  1 
ATOM   349 H  HD3  . LYS A 1 23 ? -6.380  1.950   2.938   1.00 0.00 ? 34 LYS A HD3  1 
ATOM   350 H  HE2  . LYS A 1 23 ? -8.618  2.373   2.401   1.00 0.00 ? 34 LYS A HE2  1 
ATOM   351 H  HE3  . LYS A 1 23 ? -8.552  3.030   4.049   1.00 0.00 ? 34 LYS A HE3  1 
ATOM   352 H  HZ1  . LYS A 1 23 ? -8.304  5.187   3.274   1.00 0.00 ? 34 LYS A HZ1  1 
ATOM   353 H  HZ2  . LYS A 1 23 ? -9.433  4.539   2.183   1.00 0.00 ? 34 LYS A HZ2  1 
ATOM   354 H  HZ3  . LYS A 1 23 ? -7.804  4.695   1.730   1.00 0.00 ? 34 LYS A HZ3  1 
ATOM   355 N  N    . GLY A 1 24 ? -3.963  6.722   1.864   1.00 0.00 ? 35 GLY A N    1 
ATOM   356 C  CA   . GLY A 1 24 ? -4.087  7.521   0.612   1.00 0.00 ? 35 GLY A CA   1 
ATOM   357 C  C    . GLY A 1 24 ? -2.939  7.185   -0.337  1.00 0.00 ? 35 GLY A C    1 
ATOM   358 O  O    . GLY A 1 24 ? -2.585  6.037   -0.521  1.00 0.00 ? 35 GLY A O    1 
ATOM   359 H  H    . GLY A 1 24 ? -3.619  7.140   2.679   1.00 0.00 ? 35 GLY A H    1 
ATOM   360 H  HA2  . GLY A 1 24 ? -5.025  7.295   0.131   1.00 0.00 ? 35 GLY A HA2  1 
ATOM   361 H  HA3  . GLY A 1 24 ? -4.056  8.572   0.851   1.00 0.00 ? 35 GLY A HA3  1 
ATOM   362 N  N    . CYS A 1 25 ? -2.365  8.176   -0.953  1.00 0.00 ? 36 CYS A N    1 
ATOM   363 C  CA   . CYS A 1 25 ? -1.248  7.911   -1.906  1.00 0.00 ? 36 CYS A CA   1 
ATOM   364 C  C    . CYS A 1 25 ? 0.117   8.150   -1.258  1.00 0.00 ? 36 CYS A C    1 
ATOM   365 O  O    . CYS A 1 25 ? 1.110   8.306   -1.939  1.00 0.00 ? 36 CYS A O    1 
ATOM   366 C  CB   . CYS A 1 25 ? -1.472  8.893   -3.053  1.00 0.00 ? 36 CYS A CB   1 
ATOM   367 S  SG   . CYS A 1 25 ? -3.150  8.691   -3.689  1.00 0.00 ? 36 CYS A SG   1 
ATOM   368 H  H    . CYS A 1 25 ? -2.676  9.091   -0.798  1.00 0.00 ? 36 CYS A H    1 
ATOM   369 H  HA   . CYS A 1 25 ? -1.308  6.905   -2.270  1.00 0.00 ? 36 CYS A HA   1 
ATOM   370 H  HB2  . CYS A 1 25 ? -1.341  9.902   -2.694  1.00 0.00 ? 36 CYS A HB2  1 
ATOM   371 H  HB3  . CYS A 1 25 ? -0.761  8.696   -3.842  1.00 0.00 ? 36 CYS A HB3  1 
ATOM   372 N  N    . TRP A 1 26 ? 0.177   8.167   0.043   1.00 0.00 ? 37 TRP A N    1 
ATOM   373 C  CA   . TRP A 1 26 ? 1.483   8.384   0.740   1.00 0.00 ? 37 TRP A CA   1 
ATOM   374 C  C    . TRP A 1 26 ? 2.172   9.676   0.259   1.00 0.00 ? 37 TRP A C    1 
ATOM   375 O  O    . TRP A 1 26 ? 3.361   9.851   0.435   1.00 0.00 ? 37 TRP A O    1 
ATOM   376 C  CB   . TRP A 1 26 ? 2.323   7.158   0.375   1.00 0.00 ? 37 TRP A CB   1 
ATOM   377 C  CG   . TRP A 1 26 ? 3.524   7.090   1.259   1.00 0.00 ? 37 TRP A CG   1 
ATOM   378 C  CD1  . TRP A 1 26 ? 3.496   6.864   2.592   1.00 0.00 ? 37 TRP A CD1  1 
ATOM   379 C  CD2  . TRP A 1 26 ? 4.927   7.245   0.899   1.00 0.00 ? 37 TRP A CD2  1 
ATOM   380 N  NE1  . TRP A 1 26 ? 4.793   6.872   3.074   1.00 0.00 ? 37 TRP A NE1  1 
ATOM   381 C  CE2  . TRP A 1 26 ? 5.711   7.103   2.067   1.00 0.00 ? 37 TRP A CE2  1 
ATOM   382 C  CE3  . TRP A 1 26 ? 5.589   7.494   -0.317  1.00 0.00 ? 37 TRP A CE3  1 
ATOM   383 C  CZ2  . TRP A 1 26 ? 7.102   7.203   2.032   1.00 0.00 ? 37 TRP A CZ2  1 
ATOM   384 C  CZ3  . TRP A 1 26 ? 6.988   7.595   -0.357  1.00 0.00 ? 37 TRP A CZ3  1 
ATOM   385 C  CH2  . TRP A 1 26 ? 7.743   7.450   0.815   1.00 0.00 ? 37 TRP A CH2  1 
ATOM   386 H  H    . TRP A 1 26 ? -0.636  8.026   0.567   1.00 0.00 ? 37 TRP A H    1 
ATOM   387 H  HA   . TRP A 1 26 ? 1.334   8.416   1.807   1.00 0.00 ? 37 TRP A HA   1 
ATOM   388 H  HB2  . TRP A 1 26 ? 1.732   6.265   0.505   1.00 0.00 ? 37 TRP A HB2  1 
ATOM   389 H  HB3  . TRP A 1 26 ? 2.640   7.233   -0.654  1.00 0.00 ? 37 TRP A HB3  1 
ATOM   390 H  HD1  . TRP A 1 26 ? 2.608   6.705   3.183   1.00 0.00 ? 37 TRP A HD1  1 
ATOM   391 H  HE1  . TRP A 1 26 ? 5.049   6.734   4.008   1.00 0.00 ? 37 TRP A HE1  1 
ATOM   392 H  HE3  . TRP A 1 26 ? 5.016   7.607   -1.225  1.00 0.00 ? 37 TRP A HE3  1 
ATOM   393 H  HZ2  . TRP A 1 26 ? 7.678   7.090   2.939   1.00 0.00 ? 37 TRP A HZ2  1 
ATOM   394 H  HZ3  . TRP A 1 26 ? 7.486   7.786   -1.295  1.00 0.00 ? 37 TRP A HZ3  1 
ATOM   395 H  HH2  . TRP A 1 26 ? 8.819   7.530   0.779   1.00 0.00 ? 37 TRP A HH2  1 
ATOM   396 N  N    . LYS A 1 27 ? 1.440   10.587  -0.334  1.00 0.00 ? 38 LYS A N    1 
ATOM   397 C  CA   . LYS A 1 27 ? 2.069   11.858  -0.809  1.00 0.00 ? 38 LYS A CA   1 
ATOM   398 C  C    . LYS A 1 27 ? 0.998   12.841  -1.301  1.00 0.00 ? 38 LYS A C    1 
ATOM   399 O  O    . LYS A 1 27 ? 1.092   14.032  -1.078  1.00 0.00 ? 38 LYS A O    1 
ATOM   400 C  CB   . LYS A 1 27 ? 3.006   11.452  -1.956  1.00 0.00 ? 38 LYS A CB   1 
ATOM   401 C  CG   . LYS A 1 27 ? 2.193   11.011  -3.176  1.00 0.00 ? 38 LYS A CG   1 
ATOM   402 C  CD   . LYS A 1 27 ? 3.137   10.470  -4.251  1.00 0.00 ? 38 LYS A CD   1 
ATOM   403 C  CE   . LYS A 1 27 ? 2.944   8.957   -4.389  1.00 0.00 ? 38 LYS A CE   1 
ATOM   404 N  NZ   . LYS A 1 27 ? 3.726   8.363   -3.270  1.00 0.00 ? 38 LYS A NZ   1 
ATOM   405 H  H    . LYS A 1 27 ? 0.482   10.439  -0.461  1.00 0.00 ? 38 LYS A H    1 
ATOM   406 H  HA   . LYS A 1 27 ? 2.643   12.305  -0.013  1.00 0.00 ? 38 LYS A HA   1 
ATOM   407 H  HB2  . LYS A 1 27 ? 3.625   12.295  -2.226  1.00 0.00 ? 38 LYS A HB2  1 
ATOM   408 H  HB3  . LYS A 1 27 ? 3.636   10.636  -1.634  1.00 0.00 ? 38 LYS A HB3  1 
ATOM   409 H  HG2  . LYS A 1 27 ? 1.497   10.238  -2.884  1.00 0.00 ? 38 LYS A HG2  1 
ATOM   410 H  HG3  . LYS A 1 27 ? 1.649   11.854  -3.571  1.00 0.00 ? 38 LYS A HG3  1 
ATOM   411 H  HD2  . LYS A 1 27 ? 2.919   10.949  -5.194  1.00 0.00 ? 38 LYS A HD2  1 
ATOM   412 H  HD3  . LYS A 1 27 ? 4.159   10.676  -3.970  1.00 0.00 ? 38 LYS A HD3  1 
ATOM   413 H  HE2  . LYS A 1 27 ? 1.896   8.705   -4.296  1.00 0.00 ? 38 LYS A HE2  1 
ATOM   414 H  HE3  . LYS A 1 27 ? 3.331   8.613   -5.336  1.00 0.00 ? 38 LYS A HE3  1 
ATOM   415 H  HZ1  . LYS A 1 27 ? 3.932   7.367   -3.481  1.00 0.00 ? 38 LYS A HZ1  1 
ATOM   416 H  HZ2  . LYS A 1 27 ? 3.174   8.426   -2.390  1.00 0.00 ? 38 LYS A HZ2  1 
ATOM   417 H  HZ3  . LYS A 1 27 ? 4.619   8.881   -3.157  1.00 0.00 ? 38 LYS A HZ3  1 
ATOM   418 N  N    . CYS A 1 28 ? -0.018  12.359  -1.965  1.00 0.00 ? 39 CYS A N    1 
ATOM   419 C  CA   . CYS A 1 28 ? -1.087  13.271  -2.463  1.00 0.00 ? 39 CYS A CA   1 
ATOM   420 C  C    . CYS A 1 28 ? -2.269  13.279  -1.489  1.00 0.00 ? 39 CYS A C    1 
ATOM   421 O  O    . CYS A 1 28 ? -2.940  14.279  -1.321  1.00 0.00 ? 39 CYS A O    1 
ATOM   422 C  CB   . CYS A 1 28 ? -1.500  12.689  -3.816  1.00 0.00 ? 39 CYS A CB   1 
ATOM   423 S  SG   . CYS A 1 28 ? -3.191  13.200  -4.215  1.00 0.00 ? 39 CYS A SG   1 
ATOM   424 H  H    . CYS A 1 28 ? -0.081  11.396  -2.136  1.00 0.00 ? 39 CYS A H    1 
ATOM   425 H  HA   . CYS A 1 28 ? -0.700  14.269  -2.594  1.00 0.00 ? 39 CYS A HA   1 
ATOM   426 H  HB2  . CYS A 1 28 ? -0.828  13.048  -4.581  1.00 0.00 ? 39 CYS A HB2  1 
ATOM   427 H  HB3  . CYS A 1 28 ? -1.450  11.612  -3.773  1.00 0.00 ? 39 CYS A HB3  1 
ATOM   428 N  N    . GLY A 1 29 ? -2.528  12.174  -0.844  1.00 0.00 ? 40 GLY A N    1 
ATOM   429 C  CA   . GLY A 1 29 ? -3.664  12.122  0.119   1.00 0.00 ? 40 GLY A CA   1 
ATOM   430 C  C    . GLY A 1 29 ? -4.949  11.728  -0.613  1.00 0.00 ? 40 GLY A C    1 
ATOM   431 O  O    . GLY A 1 29 ? -6.038  12.058  -0.188  1.00 0.00 ? 40 GLY A O    1 
ATOM   432 H  H    . GLY A 1 29 ? -1.976  11.377  -0.990  1.00 0.00 ? 40 GLY A H    1 
ATOM   433 H  HA2  . GLY A 1 29 ? -3.450  11.393  0.887   1.00 0.00 ? 40 GLY A HA2  1 
ATOM   434 H  HA3  . GLY A 1 29 ? -3.795  13.092  0.573   1.00 0.00 ? 40 GLY A HA3  1 
ATOM   435 N  N    . LYS A 1 30 ? -4.835  11.025  -1.708  1.00 0.00 ? 41 LYS A N    1 
ATOM   436 C  CA   . LYS A 1 30 ? -6.058  10.613  -2.453  1.00 0.00 ? 41 LYS A CA   1 
ATOM   437 C  C    . LYS A 1 30 ? -6.370  9.146   -2.174  1.00 0.00 ? 41 LYS A C    1 
ATOM   438 O  O    . LYS A 1 30 ? -5.498  8.363   -1.860  1.00 0.00 ? 41 LYS A O    1 
ATOM   439 C  CB   . LYS A 1 30 ? -5.721  10.812  -3.928  1.00 0.00 ? 41 LYS A CB   1 
ATOM   440 C  CG   . LYS A 1 30 ? -6.728  11.775  -4.559  1.00 0.00 ? 41 LYS A CG   1 
ATOM   441 C  CD   . LYS A 1 30 ? -7.897  10.979  -5.145  1.00 0.00 ? 41 LYS A CD   1 
ATOM   442 C  CE   . LYS A 1 30 ? -9.161  11.250  -4.325  1.00 0.00 ? 41 LYS A CE   1 
ATOM   443 N  NZ   . LYS A 1 30 ? -9.854  12.356  -5.043  1.00 0.00 ? 41 LYS A NZ   1 
ATOM   444 H  H    . LYS A 1 30 ? -3.951  10.763  -2.036  1.00 0.00 ? 41 LYS A H    1 
ATOM   445 H  HA   . LYS A 1 30 ? -6.896  11.236  -2.179  1.00 0.00 ? 41 LYS A HA   1 
ATOM   446 H  HB2  . LYS A 1 30 ? -4.727  11.221  -4.015  1.00 0.00 ? 41 LYS A HB2  1 
ATOM   447 H  HB3  . LYS A 1 30 ? -5.765  9.862   -4.439  1.00 0.00 ? 41 LYS A HB3  1 
ATOM   448 H  HG2  . LYS A 1 30 ? -7.096  12.456  -3.806  1.00 0.00 ? 41 LYS A HG2  1 
ATOM   449 H  HG3  . LYS A 1 30 ? -6.247  12.334  -5.347  1.00 0.00 ? 41 LYS A HG3  1 
ATOM   450 H  HD2  . LYS A 1 30 ? -8.060  11.279  -6.169  1.00 0.00 ? 41 LYS A HD2  1 
ATOM   451 H  HD3  . LYS A 1 30 ? -7.668  9.924   -5.111  1.00 0.00 ? 41 LYS A HD3  1 
ATOM   452 H  HE2  . LYS A 1 30 ? -9.784  10.367  -4.296  1.00 0.00 ? 41 LYS A HE2  1 
ATOM   453 H  HE3  . LYS A 1 30 ? -8.903  11.562  -3.326  1.00 0.00 ? 41 LYS A HE3  1 
ATOM   454 H  HZ1  . LYS A 1 30 ? -10.312 11.980  -5.898  1.00 0.00 ? 41 LYS A HZ1  1 
ATOM   455 H  HZ2  . LYS A 1 30 ? -9.160  13.083  -5.311  1.00 0.00 ? 41 LYS A HZ2  1 
ATOM   456 H  HZ3  . LYS A 1 30 ? -10.575 12.774  -4.422  1.00 0.00 ? 41 LYS A HZ3  1 
ATOM   457 N  N    . GLU A 1 31 ? -7.607  8.768   -2.289  1.00 0.00 ? 42 GLU A N    1 
ATOM   458 C  CA   . GLU A 1 31 ? -7.979  7.349   -2.033  1.00 0.00 ? 42 GLU A CA   1 
ATOM   459 C  C    . GLU A 1 31 ? -8.205  6.614   -3.358  1.00 0.00 ? 42 GLU A C    1 
ATOM   460 O  O    . GLU A 1 31 ? -8.036  5.414   -3.444  1.00 0.00 ? 42 GLU A O    1 
ATOM   461 C  CB   . GLU A 1 31 ? -9.280  7.416   -1.232  1.00 0.00 ? 42 GLU A CB   1 
ATOM   462 C  CG   . GLU A 1 31 ? -9.158  8.488   -0.148  1.00 0.00 ? 42 GLU A CG   1 
ATOM   463 C  CD   . GLU A 1 31 ? -9.451  7.869   1.218   1.00 0.00 ? 42 GLU A CD   1 
ATOM   464 O  OE1  . GLU A 1 31 ? -10.618 7.711   1.538   1.00 0.00 ? 42 GLU A OE1  1 
ATOM   465 O  OE2  . GLU A 1 31 ? -8.502  7.560   1.922   1.00 0.00 ? 42 GLU A OE2  1 
ATOM   466 H  H    . GLU A 1 31 ? -8.293  9.419   -2.546  1.00 0.00 ? 42 GLU A H    1 
ATOM   467 H  HA   . GLU A 1 31 ? -7.212  6.859   -1.450  1.00 0.00 ? 42 GLU A HA   1 
ATOM   468 H  HB2  . GLU A 1 31 ? -10.097 7.663   -1.893  1.00 0.00 ? 42 GLU A HB2  1 
ATOM   469 H  HB3  . GLU A 1 31 ? -9.467  6.459   -0.768  1.00 0.00 ? 42 GLU A HB3  1 
ATOM   470 H  HG2  . GLU A 1 31 ? -8.156  8.893   -0.153  1.00 0.00 ? 42 GLU A HG2  1 
ATOM   471 H  HG3  . GLU A 1 31 ? -9.866  9.278   -0.344  1.00 0.00 ? 42 GLU A HG3  1 
ATOM   472 N  N    . GLY A 1 32 ? -8.587  7.327   -4.388  1.00 0.00 ? 43 GLY A N    1 
ATOM   473 C  CA   . GLY A 1 32 ? -8.825  6.678   -5.712  1.00 0.00 ? 43 GLY A CA   1 
ATOM   474 C  C    . GLY A 1 32 ? -7.606  5.838   -6.100  1.00 0.00 ? 43 GLY A C    1 
ATOM   475 O  O    . GLY A 1 32 ? -7.734  4.725   -6.568  1.00 0.00 ? 43 GLY A O    1 
ATOM   476 H  H    . GLY A 1 32 ? -8.719  8.293   -4.290  1.00 0.00 ? 43 GLY A H    1 
ATOM   477 H  HA2  . GLY A 1 32 ? -9.697  6.043   -5.650  1.00 0.00 ? 43 GLY A HA2  1 
ATOM   478 H  HA3  . GLY A 1 32 ? -8.986  7.438   -6.462  1.00 0.00 ? 43 GLY A HA3  1 
ATOM   479 N  N    . HIS A 1 33 ? -6.426  6.353   -5.886  1.00 0.00 ? 44 HIS A N    1 
ATOM   480 C  CA   . HIS A 1 33 ? -5.202  5.571   -6.222  1.00 0.00 ? 44 HIS A CA   1 
ATOM   481 C  C    . HIS A 1 33 ? -4.312  5.469   -4.980  1.00 0.00 ? 44 HIS A C    1 
ATOM   482 O  O    . HIS A 1 33 ? -4.621  6.022   -3.945  1.00 0.00 ? 44 HIS A O    1 
ATOM   483 C  CB   . HIS A 1 33 ? -4.496  6.336   -7.351  1.00 0.00 ? 44 HIS A CB   1 
ATOM   484 C  CG   . HIS A 1 33 ? -4.636  7.823   -7.160  1.00 0.00 ? 44 HIS A CG   1 
ATOM   485 N  ND1  . HIS A 1 33 ? -5.763  8.521   -7.563  1.00 0.00 ? 44 HIS A ND1  1 
ATOM   486 C  CD2  . HIS A 1 33 ? -3.787  8.760   -6.627  1.00 0.00 ? 44 HIS A CD2  1 
ATOM   487 C  CE1  . HIS A 1 33 ? -5.563  9.820   -7.269  1.00 0.00 ? 44 HIS A CE1  1 
ATOM   488 N  NE2  . HIS A 1 33 ? -4.373  10.020  -6.697  1.00 0.00 ? 44 HIS A NE2  1 
ATOM   489 H  H    . HIS A 1 33 ? -6.347  7.245   -5.490  1.00 0.00 ? 44 HIS A H    1 
ATOM   490 H  HA   . HIS A 1 33 ? -5.474  4.584   -6.563  1.00 0.00 ? 44 HIS A HA   1 
ATOM   491 H  HB2  . HIS A 1 33 ? -3.448  6.076   -7.354  1.00 0.00 ? 44 HIS A HB2  1 
ATOM   492 H  HB3  . HIS A 1 33 ? -4.933  6.056   -8.298  1.00 0.00 ? 44 HIS A HB3  1 
ATOM   493 H  HD1  . HIS A 1 33 ? -6.561  8.139   -7.986  1.00 0.00 ? 44 HIS A HD1  1 
ATOM   494 H  HD2  . HIS A 1 33 ? -2.810  8.551   -6.219  1.00 0.00 ? 44 HIS A HD2  1 
ATOM   495 H  HE1  . HIS A 1 33 ? -6.279  10.604  -7.472  1.00 0.00 ? 44 HIS A HE1  1 
ATOM   496 N  N    . GLN A 1 34 ? -3.222  4.758   -5.066  1.00 0.00 ? 45 GLN A N    1 
ATOM   497 C  CA   . GLN A 1 34 ? -2.339  4.621   -3.872  1.00 0.00 ? 45 GLN A CA   1 
ATOM   498 C  C    . GLN A 1 34 ? -1.051  5.408   -4.057  1.00 0.00 ? 45 GLN A C    1 
ATOM   499 O  O    . GLN A 1 34 ? -1.005  6.411   -4.741  1.00 0.00 ? 45 GLN A O    1 
ATOM   500 C  CB   . GLN A 1 34 ? -2.019  3.132   -3.765  1.00 0.00 ? 45 GLN A CB   1 
ATOM   501 C  CG   . GLN A 1 34 ? -3.227  2.328   -4.206  1.00 0.00 ? 45 GLN A CG   1 
ATOM   502 C  CD   . GLN A 1 34 ? -2.980  0.841   -3.952  1.00 0.00 ? 45 GLN A CD   1 
ATOM   503 O  OE1  . GLN A 1 34 ? -3.663  0.228   -3.156  1.00 0.00 ? 45 GLN A OE1  1 
ATOM   504 N  NE2  . GLN A 1 34 ? -2.028  0.231   -4.601  1.00 0.00 ? 45 GLN A NE2  1 
ATOM   505 H  H    . GLN A 1 34 ? -2.991  4.309   -5.905  1.00 0.00 ? 45 GLN A H    1 
ATOM   506 H  HA   . GLN A 1 34 ? -2.853  4.948   -2.982  1.00 0.00 ? 45 GLN A HA   1 
ATOM   507 H  HB2  . GLN A 1 34 ? -1.178  2.897   -4.402  1.00 0.00 ? 45 GLN A HB2  1 
ATOM   508 H  HB3  . GLN A 1 34 ? -1.777  2.885   -2.743  1.00 0.00 ? 45 GLN A HB3  1 
ATOM   509 H  HG2  . GLN A 1 34 ? -4.087  2.653   -3.647  1.00 0.00 ? 45 GLN A HG2  1 
ATOM   510 H  HG3  . GLN A 1 34 ? -3.390  2.489   -5.254  1.00 0.00 ? 45 GLN A HG3  1 
ATOM   511 H  HE21 . GLN A 1 34 ? -1.479  0.725   -5.244  1.00 0.00 ? 45 GLN A HE21 1 
ATOM   512 H  HE22 . GLN A 1 34 ? -1.861  -0.722  -4.446  1.00 0.00 ? 45 GLN A HE22 1 
ATOM   513 N  N    . MET A 1 35 ? -0.005  4.945   -3.446  1.00 0.00 ? 46 MET A N    1 
ATOM   514 C  CA   . MET A 1 35 ? 1.305   5.645   -3.565  1.00 0.00 ? 46 MET A CA   1 
ATOM   515 C  C    . MET A 1 35 ? 2.016   5.220   -4.852  1.00 0.00 ? 46 MET A C    1 
ATOM   516 O  O    . MET A 1 35 ? 2.785   5.968   -5.422  1.00 0.00 ? 46 MET A O    1 
ATOM   517 C  CB   . MET A 1 35 ? 2.100   5.219   -2.326  1.00 0.00 ? 46 MET A CB   1 
ATOM   518 C  CG   . MET A 1 35 ? 2.666   3.811   -2.526  1.00 0.00 ? 46 MET A CG   1 
ATOM   519 S  SD   . MET A 1 35 ? 3.099   3.102   -0.918  1.00 0.00 ? 46 MET A SD   1 
ATOM   520 C  CE   . MET A 1 35 ? 4.582   4.097   -0.621  1.00 0.00 ? 46 MET A CE   1 
ATOM   521 H  H    . MET A 1 35 ? -0.085  4.128   -2.909  1.00 0.00 ? 46 MET A H    1 
ATOM   522 H  HA   . MET A 1 35 ? 1.159   6.713   -3.556  1.00 0.00 ? 46 MET A HA   1 
ATOM   523 H  HB2  . MET A 1 35 ? 2.912   5.914   -2.165  1.00 0.00 ? 46 MET A HB2  1 
ATOM   524 H  HB3  . MET A 1 35 ? 1.449   5.222   -1.465  1.00 0.00 ? 46 MET A HB3  1 
ATOM   525 H  HG2  . MET A 1 35 ? 1.924   3.189   -3.004  1.00 0.00 ? 46 MET A HG2  1 
ATOM   526 H  HG3  . MET A 1 35 ? 3.548   3.862   -3.148  1.00 0.00 ? 46 MET A HG3  1 
ATOM   527 H  HE1  . MET A 1 35 ? 4.566   4.470   0.394   1.00 0.00 ? 46 MET A HE1  1 
ATOM   528 H  HE2  . MET A 1 35 ? 4.603   4.928   -1.308  1.00 0.00 ? 46 MET A HE2  1 
ATOM   529 H  HE3  . MET A 1 35 ? 5.461   3.485   -0.773  1.00 0.00 ? 46 MET A HE3  1 
ATOM   530 N  N    . LYS A 1 36 ? 1.754   4.031   -5.325  1.00 0.00 ? 47 LYS A N    1 
ATOM   531 C  CA   . LYS A 1 36 ? 2.407   3.574   -6.584  1.00 0.00 ? 47 LYS A CA   1 
ATOM   532 C  C    . LYS A 1 36 ? 1.597   4.050   -7.798  1.00 0.00 ? 47 LYS A C    1 
ATOM   533 O  O    . LYS A 1 36 ? 2.084   4.063   -8.911  1.00 0.00 ? 47 LYS A O    1 
ATOM   534 C  CB   . LYS A 1 36 ? 2.424   2.045   -6.502  1.00 0.00 ? 47 LYS A CB   1 
ATOM   535 C  CG   . LYS A 1 36 ? 0.999   1.514   -6.344  1.00 0.00 ? 47 LYS A CG   1 
ATOM   536 C  CD   . LYS A 1 36 ? 0.861   0.188   -7.094  1.00 0.00 ? 47 LYS A CD   1 
ATOM   537 C  CE   . LYS A 1 36 ? 0.754   -0.959  -6.087  1.00 0.00 ? 47 LYS A CE   1 
ATOM   538 N  NZ   . LYS A 1 36 ? -0.406  -1.771  -6.551  1.00 0.00 ? 47 LYS A NZ   1 
ATOM   539 H  H    . LYS A 1 36 ? 1.123   3.445   -4.859  1.00 0.00 ? 47 LYS A H    1 
ATOM   540 H  HA   . LYS A 1 36 ? 3.416   3.951   -6.638  1.00 0.00 ? 47 LYS A HA   1 
ATOM   541 H  HB2  . LYS A 1 36 ? 2.860   1.644   -7.404  1.00 0.00 ? 47 LYS A HB2  1 
ATOM   542 H  HB3  . LYS A 1 36 ? 3.015   1.740   -5.651  1.00 0.00 ? 47 LYS A HB3  1 
ATOM   543 H  HG2  . LYS A 1 36 ? 0.787   1.359   -5.296  1.00 0.00 ? 47 LYS A HG2  1 
ATOM   544 H  HG3  . LYS A 1 36 ? 0.300   2.228   -6.750  1.00 0.00 ? 47 LYS A HG3  1 
ATOM   545 H  HD2  . LYS A 1 36 ? -0.027  0.213   -7.709  1.00 0.00 ? 47 LYS A HD2  1 
ATOM   546 H  HD3  . LYS A 1 36 ? 1.729   0.036   -7.718  1.00 0.00 ? 47 LYS A HD3  1 
ATOM   547 H  HE2  . LYS A 1 36 ? 1.659   -1.552  -6.097  1.00 0.00 ? 47 LYS A HE2  1 
ATOM   548 H  HE3  . LYS A 1 36 ? 0.564   -0.575  -5.097  1.00 0.00 ? 47 LYS A HE3  1 
ATOM   549 H  HZ1  . LYS A 1 36 ? -0.131  -2.323  -7.388  1.00 0.00 ? 47 LYS A HZ1  1 
ATOM   550 H  HZ2  . LYS A 1 36 ? -1.196  -1.139  -6.794  1.00 0.00 ? 47 LYS A HZ2  1 
ATOM   551 H  HZ3  . LYS A 1 36 ? -0.700  -2.419  -5.793  1.00 0.00 ? 47 LYS A HZ3  1 
ATOM   552 N  N    . ASP A 1 37 ? 0.368   4.452   -7.592  1.00 0.00 ? 48 ASP A N    1 
ATOM   553 C  CA   . ASP A 1 37 ? -0.463  4.936   -8.732  1.00 0.00 ? 48 ASP A CA   1 
ATOM   554 C  C    . ASP A 1 37 ? -0.708  6.442   -8.592  1.00 0.00 ? 48 ASP A C    1 
ATOM   555 O  O    . ASP A 1 37 ? -1.764  6.940   -8.928  1.00 0.00 ? 48 ASP A O    1 
ATOM   556 C  CB   . ASP A 1 37 ? -1.783  4.172   -8.619  1.00 0.00 ? 48 ASP A CB   1 
ATOM   557 C  CG   . ASP A 1 37 ? -1.499  2.686   -8.400  1.00 0.00 ? 48 ASP A CG   1 
ATOM   558 O  OD1  . ASP A 1 37 ? -0.786  2.114   -9.207  1.00 0.00 ? 48 ASP A OD1  1 
ATOM   559 O  OD2  . ASP A 1 37 ? -2.002  2.145   -7.428  1.00 0.00 ? 48 ASP A OD2  1 
ATOM   560 H  H    . ASP A 1 37 ? -0.008  4.442   -6.688  1.00 0.00 ? 48 ASP A H    1 
ATOM   561 H  HA   . ASP A 1 37 ? 0.015   4.715   -9.672  1.00 0.00 ? 48 ASP A HA   1 
ATOM   562 H  HB2  . ASP A 1 37 ? -2.349  4.557   -7.784  1.00 0.00 ? 48 ASP A HB2  1 
ATOM   563 H  HB3  . ASP A 1 37 ? -2.350  4.298   -9.527  1.00 0.00 ? 48 ASP A HB3  1 
ATOM   564 N  N    . CYS A 1 38 ? 0.256   7.169   -8.095  1.00 0.00 ? 49 CYS A N    1 
ATOM   565 C  CA   . CYS A 1 38 ? 0.071   8.638   -7.928  1.00 0.00 ? 49 CYS A CA   1 
ATOM   566 C  C    . CYS A 1 38 ? 1.313   9.390   -8.407  1.00 0.00 ? 49 CYS A C    1 
ATOM   567 O  O    . CYS A 1 38 ? 2.417   9.127   -7.973  1.00 0.00 ? 49 CYS A O    1 
ATOM   568 C  CB   . CYS A 1 38 ? -0.125  8.841   -6.427  1.00 0.00 ? 49 CYS A CB   1 
ATOM   569 S  SG   . CYS A 1 38 ? -0.248  10.610  -6.071  1.00 0.00 ? 49 CYS A SG   1 
ATOM   570 H  H    . CYS A 1 38 ? 1.099   6.749   -7.825  1.00 0.00 ? 49 CYS A H    1 
ATOM   571 H  HA   . CYS A 1 38 ? -0.804  8.972   -8.463  1.00 0.00 ? 49 CYS A HA   1 
ATOM   572 H  HB2  . CYS A 1 38 ? -1.031  8.345   -6.113  1.00 0.00 ? 49 CYS A HB2  1 
ATOM   573 H  HB3  . CYS A 1 38 ? 0.716   8.424   -5.894  1.00 0.00 ? 49 CYS A HB3  1 
ATOM   574 N  N    . THR A 1 39 ? 1.140   10.331  -9.294  1.00 0.00 ? 50 THR A N    1 
ATOM   575 C  CA   . THR A 1 39 ? 2.311   11.105  -9.795  1.00 0.00 ? 50 THR A CA   1 
ATOM   576 C  C    . THR A 1 39 ? 2.535   12.336  -8.913  1.00 0.00 ? 50 THR A C    1 
ATOM   577 O  O    . THR A 1 39 ? 3.560   12.471  -8.275  1.00 0.00 ? 50 THR A O    1 
ATOM   578 C  CB   . THR A 1 39 ? 1.932   11.521  -11.219 1.00 0.00 ? 50 THR A CB   1 
ATOM   579 O  OG1  . THR A 1 39 ? 1.885   10.369  -12.050 1.00 0.00 ? 50 THR A OG1  1 
ATOM   580 C  CG2  . THR A 1 39 ? 2.972   12.502  -11.760 1.00 0.00 ? 50 THR A CG2  1 
ATOM   581 H  H    . THR A 1 39 ? 0.241   10.530  -9.627  1.00 0.00 ? 50 THR A H    1 
ATOM   582 H  HA   . THR A 1 39 ? 3.194   10.487  -9.814  1.00 0.00 ? 50 THR A HA   1 
ATOM   583 H  HB   . THR A 1 39 ? 0.965   11.998  -11.209 1.00 0.00 ? 50 THR A HB   1 
ATOM   584 H  HG1  . THR A 1 39 ? 2.306   9.646   -11.579 1.00 0.00 ? 50 THR A HG1  1 
ATOM   585 H  HG21 . THR A 1 39 ? 3.915   12.341  -11.258 1.00 0.00 ? 50 THR A HG21 1 
ATOM   586 H  HG22 . THR A 1 39 ? 2.639   13.514  -11.585 1.00 0.00 ? 50 THR A HG22 1 
ATOM   587 H  HG23 . THR A 1 39 ? 3.098   12.344  -12.822 1.00 0.00 ? 50 THR A HG23 1 
ATOM   588 N  N    . GLU A 1 40 ? 1.581   13.229  -8.874  1.00 0.00 ? 51 GLU A N    1 
ATOM   589 C  CA   . GLU A 1 40 ? 1.725   14.456  -8.035  1.00 0.00 ? 51 GLU A CA   1 
ATOM   590 C  C    . GLU A 1 40 ? 3.026   15.187  -8.376  1.00 0.00 ? 51 GLU A C    1 
ATOM   591 O  O    . GLU A 1 40 ? 3.838   15.464  -7.515  1.00 0.00 ? 51 GLU A O    1 
ATOM   592 C  CB   . GLU A 1 40 ? 1.747   13.953  -6.591  1.00 0.00 ? 51 GLU A CB   1 
ATOM   593 C  CG   . GLU A 1 40 ? 0.820   14.820  -5.739  1.00 0.00 ? 51 GLU A CG   1 
ATOM   594 C  CD   . GLU A 1 40 ? 1.390   14.951  -4.326  1.00 0.00 ? 51 GLU A CD   1 
ATOM   595 O  OE1  . GLU A 1 40 ? 2.235   14.147  -3.971  1.00 0.00 ? 51 GLU A OE1  1 
ATOM   596 O  OE2  . GLU A 1 40 ? 0.971   15.854  -3.622  1.00 0.00 ? 51 GLU A OE2  1 
ATOM   597 H  H    . GLU A 1 40 ? 0.763   13.092  -9.397  1.00 0.00 ? 51 GLU A H    1 
ATOM   598 H  HA   . GLU A 1 40 ? 0.880   15.110  -8.181  1.00 0.00 ? 51 GLU A HA   1 
ATOM   599 H  HB2  . GLU A 1 40 ? 1.409   12.926  -6.563  1.00 0.00 ? 51 GLU A HB2  1 
ATOM   600 H  HB3  . GLU A 1 40 ? 2.751   14.011  -6.203  1.00 0.00 ? 51 GLU A HB3  1 
ATOM   601 H  HG2  . GLU A 1 40 ? 0.735   15.800  -6.186  1.00 0.00 ? 51 GLU A HG2  1 
ATOM   602 H  HG3  . GLU A 1 40 ? -0.155  14.362  -5.691  1.00 0.00 ? 51 GLU A HG3  1 
ATOM   603 N  N    . ARG A 1 41 ? 3.223   15.499  -9.631  1.00 0.00 ? 52 ARG A N    1 
ATOM   604 C  CA   . ARG A 1 41 ? 4.467   16.213  -10.053 1.00 0.00 ? 52 ARG A CA   1 
ATOM   605 C  C    . ARG A 1 41 ? 5.710   15.463  -9.563  1.00 0.00 ? 52 ARG A C    1 
ATOM   606 O  O    . ARG A 1 41 ? 6.559   16.022  -8.898  1.00 0.00 ? 52 ARG A O    1 
ATOM   607 C  CB   . ARG A 1 41 ? 4.379   17.596  -9.404  1.00 0.00 ? 52 ARG A CB   1 
ATOM   608 C  CG   . ARG A 1 41 ? 3.014   18.218  -9.704  1.00 0.00 ? 52 ARG A CG   1 
ATOM   609 C  CD   . ARG A 1 41 ? 2.991   19.665  -9.203  1.00 0.00 ? 52 ARG A CD   1 
ATOM   610 N  NE   . ARG A 1 41 ? 2.256   19.613  -7.910  1.00 0.00 ? 52 ARG A NE   1 
ATOM   611 C  CZ   . ARG A 1 41 ? 2.733   18.915  -6.915  1.00 0.00 ? 52 ARG A CZ   1 
ATOM   612 N  NH1  . ARG A 1 41 ? 3.858   19.263  -6.353  1.00 0.00 ? 52 ARG A NH1  1 
ATOM   613 N  NH2  . ARG A 1 41 ? 2.085   17.867  -6.485  1.00 0.00 ? 52 ARG A NH2  1 
ATOM   614 H  H    . ARG A 1 41 ? 2.548   15.261  -10.301 1.00 0.00 ? 52 ARG A H    1 
ATOM   615 H  HA   . ARG A 1 41 ? 4.491   16.315  -11.127 1.00 0.00 ? 52 ARG A HA   1 
ATOM   616 H  HB2  . ARG A 1 41 ? 4.505   17.500  -8.335  1.00 0.00 ? 52 ARG A HB2  1 
ATOM   617 H  HB3  . ARG A 1 41 ? 5.156   18.229  -9.802  1.00 0.00 ? 52 ARG A HB3  1 
ATOM   618 H  HG2  . ARG A 1 41 ? 2.837   18.202  -10.770 1.00 0.00 ? 52 ARG A HG2  1 
ATOM   619 H  HG3  . ARG A 1 41 ? 2.242   17.655  -9.202  1.00 0.00 ? 52 ARG A HG3  1 
ATOM   620 H  HD2  . ARG A 1 41 ? 4.000   20.024  -9.052  1.00 0.00 ? 52 ARG A HD2  1 
ATOM   621 H  HD3  . ARG A 1 41 ? 2.466   20.296  -9.903  1.00 0.00 ? 52 ARG A HD3  1 
ATOM   622 H  HE   . ARG A 1 41 ? 1.415   20.103  -7.804  1.00 0.00 ? 52 ARG A HE   1 
ATOM   623 H  HH11 . ARG A 1 41 ? 4.354   20.066  -6.682  1.00 0.00 ? 52 ARG A HH11 1 
ATOM   624 H  HH12 . ARG A 1 41 ? 4.222   18.729  -5.591  1.00 0.00 ? 52 ARG A HH12 1 
ATOM   625 H  HH21 . ARG A 1 41 ? 1.224   17.600  -6.918  1.00 0.00 ? 52 ARG A HH21 1 
ATOM   626 H  HH22 . ARG A 1 41 ? 2.450   17.331  -5.724  1.00 0.00 ? 52 ARG A HH22 1 
ATOM   627 N  N    . GLN A 1 42 ? 5.822   14.204  -9.886  1.00 0.00 ? 53 GLN A N    1 
ATOM   628 C  CA   . GLN A 1 42 ? 7.011   13.423  -9.437  1.00 0.00 ? 53 GLN A CA   1 
ATOM   629 C  C    . GLN A 1 42 ? 8.186   13.650  -10.394 1.00 0.00 ? 53 GLN A C    1 
ATOM   630 O  O    . GLN A 1 42 ? 9.266   13.167  -10.098 1.00 0.00 ? 53 GLN A O    1 
ATOM   631 C  CB   . GLN A 1 42 ? 6.566   11.960  -9.473  1.00 0.00 ? 53 GLN A CB   1 
ATOM   632 C  CG   . GLN A 1 42 ? 6.538   11.465  -10.920 1.00 0.00 ? 53 GLN A CG   1 
ATOM   633 C  CD   . GLN A 1 42 ? 5.619   10.247  -11.025 1.00 0.00 ? 53 GLN A CD   1 
ATOM   634 O  OE1  . GLN A 1 42 ? 5.411   9.544   -10.056 1.00 0.00 ? 53 GLN A OE1  1 
ATOM   635 N  NE2  . GLN A 1 42 ? 5.055   9.967   -12.167 1.00 0.00 ? 53 GLN A NE2  1 
ATOM   636 O  OXT  . GLN A 1 42 ? 7.985   14.305  -11.404 1.00 0.00 ? 53 GLN A OXT  1 
ATOM   637 H  H    . GLN A 1 42 ? 5.125   13.772  -10.423 1.00 0.00 ? 53 GLN A H    1 
ATOM   638 H  HA   . GLN A 1 42 ? 7.285   13.700  -8.432  1.00 0.00 ? 53 GLN A HA   1 
ATOM   639 H  HB2  . GLN A 1 42 ? 7.259   11.361  -8.901  1.00 0.00 ? 53 GLN A HB2  1 
ATOM   640 H  HB3  . GLN A 1 42 ? 5.579   11.875  -9.047  1.00 0.00 ? 53 GLN A HB3  1 
ATOM   641 H  HG2  . GLN A 1 42 ? 6.170   12.251  -11.564 1.00 0.00 ? 53 GLN A HG2  1 
ATOM   642 H  HG3  . GLN A 1 42 ? 7.535   11.187  -11.226 1.00 0.00 ? 53 GLN A HG3  1 
ATOM   643 H  HE21 . GLN A 1 42 ? 5.222   10.533  -12.948 1.00 0.00 ? 53 GLN A HE21 1 
ATOM   644 H  HE22 . GLN A 1 42 ? 4.464   9.188   -12.244 1.00 0.00 ? 53 GLN A HE22 1 
HETATM 645 ZN ZN   . ZN  B 2 .  ? 5.119   -9.560  2.672   1.00 0.00 ? 1  ZN  A ZN   1 
HETATM 646 ZN ZN   . ZN  C 2 .  ? -2.689  10.798  -5.172  1.00 0.00 ? 2  ZN  A ZN   1 
# 
